data_9BFX
#
_entry.id   9BFX
#
_cell.length_a   66.250
_cell.length_b   47.620
_cell.length_c   101.790
_cell.angle_alpha   90.000
_cell.angle_beta   93.170
_cell.angle_gamma   90.000
#
_symmetry.space_group_name_H-M   'P 1 2 1'
#
loop_
_entity.id
_entity.type
_entity.pdbx_description
1 polymer 'GTPase KRas'
2 polymer 'Peptidyl-prolyl cis-trans isomerase A'
3 non-polymer 'PHOSPHOAMINOPHOSPHONIC ACID-GUANYLATE ESTER'
4 non-polymer 'MAGNESIUM ION'
5 non-polymer '1-[(2E)-4-(dimethylamino)-4-methylpent-2-enoyl]-N-[(2R)-1-{[(2S,6S,8S,10R,14S,21M)-22-ethyl-21-{2-[(1S)-1-methoxyethyl]pyridin-3-yl}-18,18-dimethyl-9,15-dioxo-5,16-dioxa-2,10,22,28-tetraazapentacyclo[18.5.2.1~2,6~.1~10,14~.0~23,27~]nonacosa-1(25),20,23,26-tetraen-8-yl]amino}-3-methyl-1-oxobutan-2-yl]-4-fluoro-N-methylpiperidine-4-carboxamide (non-preferred name)'
6 non-polymer 'CHLORIDE ION'
7 water water
#
loop_
_entity_poly.entity_id
_entity_poly.type
_entity_poly.pdbx_seq_one_letter_code
_entity_poly.pdbx_strand_id
1 'polypeptide(L)'
;SMTEYKLVVVGACGVGKSALTIQLIQNHFVDEYDPTIEDSYRKQVVIDGETSLLDILDTAGQEEYSAMRDQYMRTGEGFL
LVFAINNTKSFEDIHHYREQIKRVKDSEDVPMVLVGNKSDLPSRTVDTKQAQDLARSYGIPFIETSAKTRQGVDDAFYTL
VREIRKHKEK
;
A,B
2 'polypeptide(L)'
;SMVNPTVFFDIAVDGEPLGRVSFELFADKVPKTAENFRALSTGEKGFGYKGSCFHRIIPGFMCQGGDFTRHNGTGGKSIY
GEKFEDENFILKHTGPGILSMANAGPNTNGSQFFICTAKTEWLDGKHVVFGKVKEGMNIVEAMERFGSRNGKTSKKITIA
DCGQLE
;
D,C
#
loop_
_chem_comp.id
_chem_comp.type
_chem_comp.name
_chem_comp.formula
A1AOD non-polymer '1-[(2E)-4-(dimethylamino)-4-methylpent-2-enoyl]-N-[(2R)-1-{[(2S,6S,8S,10R,14S,21M)-22-ethyl-21-{2-[(1S)-1-methoxyethyl]pyridin-3-yl}-18,18-dimethyl-9,15-dioxo-5,16-dioxa-2,10,22,28-tetraazapentacyclo[18.5.2.1~2,6~.1~10,14~.0~23,27~]nonacosa-1(25),20,23,26-tetraen-8-yl]amino}-3-methyl-1-oxobutan-2-yl]-4-fluoro-N-methylpiperidine-4-carboxamide (non-preferred name)' 'C55 H80 F N9 O8'
CL non-polymer 'CHLORIDE ION' 'Cl -1'
GNP non-polymer 'PHOSPHOAMINOPHOSPHONIC ACID-GUANYLATE ESTER' 'C10 H17 N6 O13 P3'
MG non-polymer 'MAGNESIUM ION' 'Mg 2'
#
# COMPACT_ATOMS: atom_id res chain seq x y z
N SER A 1 -39.05 -1.87 32.87
CA SER A 1 -39.40 -0.62 33.58
C SER A 1 -38.59 0.56 33.04
N MET A 2 -37.57 0.22 32.30
CA MET A 2 -36.82 1.21 31.54
C MET A 2 -36.73 0.72 30.10
N THR A 3 -36.40 1.65 29.20
CA THR A 3 -35.99 1.29 27.86
C THR A 3 -34.73 2.06 27.53
N GLU A 4 -34.15 1.82 26.37
CA GLU A 4 -32.92 2.47 25.94
C GLU A 4 -32.96 2.61 24.43
N TYR A 5 -32.47 3.74 23.92
CA TYR A 5 -32.55 4.07 22.50
C TYR A 5 -31.20 4.58 22.02
N LYS A 6 -30.81 4.11 20.85
CA LYS A 6 -29.61 4.60 20.16
C LYS A 6 -30.05 5.63 19.14
N LEU A 7 -29.78 6.92 19.41
CA LEU A 7 -30.17 8.03 18.55
C LEU A 7 -28.91 8.54 17.88
N VAL A 8 -29.02 8.92 16.61
CA VAL A 8 -27.88 9.42 15.83
C VAL A 8 -28.28 10.77 15.24
N VAL A 9 -27.41 11.76 15.39
CA VAL A 9 -27.69 13.10 14.91
C VAL A 9 -26.85 13.30 13.66
N VAL A 10 -27.50 13.60 12.53
CA VAL A 10 -26.82 13.78 11.25
C VAL A 10 -27.25 15.08 10.58
N GLY A 11 -26.42 15.52 9.63
CA GLY A 11 -26.72 16.77 8.93
C GLY A 11 -25.44 17.45 8.51
N ALA A 12 -25.61 18.51 7.73
CA ALA A 12 -24.43 19.21 7.16
C ALA A 12 -23.58 19.87 8.23
N CYS A 13 -22.39 20.23 7.78
CA CYS A 13 -21.44 20.92 8.68
C CYS A 13 -22.02 22.22 9.25
N GLY A 14 -21.85 22.42 10.55
CA GLY A 14 -22.22 23.72 11.17
C GLY A 14 -23.69 23.97 11.41
N VAL A 15 -24.55 22.97 11.27
CA VAL A 15 -26.01 23.20 11.39
C VAL A 15 -26.45 23.25 12.87
N GLY A 16 -25.60 22.72 13.78
CA GLY A 16 -25.95 22.72 15.17
C GLY A 16 -26.20 21.35 15.76
N LYS A 17 -25.68 20.30 15.14
CA LYS A 17 -25.84 18.93 15.68
C LYS A 17 -25.27 18.85 17.10
N SER A 18 -24.05 19.32 17.25
CA SER A 18 -23.43 19.28 18.57
C SER A 18 -24.10 20.23 19.55
N ALA A 19 -24.45 21.42 19.10
CA ALA A 19 -25.05 22.38 20.02
C ALA A 19 -26.38 21.86 20.53
N LEU A 20 -27.16 21.19 19.67
CA LEU A 20 -28.41 20.60 20.11
C LEU A 20 -28.18 19.51 21.13
N THR A 21 -27.21 18.62 20.84
CA THR A 21 -26.93 17.52 21.74
C THR A 21 -26.45 18.02 23.10
N ILE A 22 -25.53 18.99 23.11
CA ILE A 22 -24.95 19.51 24.35
C ILE A 22 -26.01 20.22 25.16
N GLN A 23 -26.93 20.94 24.49
CA GLN A 23 -28.07 21.51 25.20
C GLN A 23 -28.90 20.43 25.88
N LEU A 24 -29.23 19.35 25.15
CA LEU A 24 -29.99 18.28 25.78
C LEU A 24 -29.27 17.72 26.99
N ILE A 25 -27.98 17.40 26.82
CA ILE A 25 -27.22 16.63 27.80
C ILE A 25 -26.74 17.51 28.96
N GLN A 26 -26.19 18.69 28.64
CA GLN A 26 -25.47 19.53 29.59
C GLN A 26 -26.17 20.86 29.91
N ASN A 27 -27.26 21.17 29.20
N ASN A 27 -27.26 21.18 29.22
CA ASN A 27 -28.07 22.35 29.45
CA ASN A 27 -28.08 22.36 29.52
C ASN A 27 -27.28 23.65 29.36
C ASN A 27 -27.29 23.66 29.36
N HIS A 28 -26.44 23.75 28.34
CA HIS A 28 -25.80 25.03 28.03
C HIS A 28 -25.51 25.10 26.53
N PHE A 29 -25.20 26.32 26.08
CA PHE A 29 -24.85 26.68 24.71
C PHE A 29 -23.59 27.55 24.75
N VAL A 30 -22.65 27.32 23.82
CA VAL A 30 -21.55 28.24 23.55
C VAL A 30 -21.50 28.51 22.06
N ASP A 31 -21.19 29.75 21.71
CA ASP A 31 -21.10 30.23 20.35
C ASP A 31 -19.93 29.59 19.61
N GLU A 32 -18.93 29.08 20.33
CA GLU A 32 -17.70 28.66 19.66
C GLU A 32 -17.96 27.37 18.89
N TYR A 33 -17.46 27.37 17.66
CA TYR A 33 -17.60 26.17 16.79
C TYR A 33 -16.42 25.27 17.00
N ASP A 34 -16.68 24.05 17.45
CA ASP A 34 -15.63 23.05 17.60
C ASP A 34 -16.02 21.89 16.71
N PRO A 35 -15.43 21.74 15.53
CA PRO A 35 -15.89 20.72 14.59
C PRO A 35 -15.78 19.31 15.16
N THR A 36 -16.83 18.54 14.94
CA THR A 36 -16.88 17.19 15.48
C THR A 36 -16.05 16.20 14.68
N ILE A 37 -15.34 15.33 15.41
CA ILE A 37 -14.86 14.07 14.86
C ILE A 37 -15.91 13.01 15.17
N GLU A 38 -16.16 12.73 16.45
CA GLU A 38 -17.24 11.83 16.86
C GLU A 38 -17.39 11.98 18.35
N ASP A 39 -18.63 12.09 18.83
CA ASP A 39 -18.87 12.12 20.27
C ASP A 39 -20.09 11.30 20.60
N SER A 40 -20.11 10.74 21.82
CA SER A 40 -21.19 9.90 22.30
C SER A 40 -21.59 10.39 23.68
N TYR A 41 -22.90 10.40 23.96
CA TYR A 41 -23.44 10.90 25.20
C TYR A 41 -24.47 9.89 25.69
N ARG A 42 -24.74 9.94 26.98
CA ARG A 42 -25.70 9.03 27.59
C ARG A 42 -26.44 9.80 28.68
N LYS A 43 -27.77 9.73 28.69
CA LYS A 43 -28.56 10.45 29.68
C LYS A 43 -29.83 9.68 29.98
N GLN A 44 -30.27 9.70 31.23
CA GLN A 44 -31.55 9.15 31.62
C GLN A 44 -32.58 10.25 31.55
N VAL A 45 -33.74 9.95 30.93
CA VAL A 45 -34.84 10.89 30.75
C VAL A 45 -36.16 10.20 31.06
N VAL A 46 -37.21 11.00 31.22
CA VAL A 46 -38.58 10.48 31.31
C VAL A 46 -39.33 11.15 30.18
N ILE A 47 -39.92 10.34 29.30
CA ILE A 47 -40.68 10.83 28.16
C ILE A 47 -42.05 10.19 28.24
N ASP A 48 -43.10 11.01 28.33
CA ASP A 48 -44.48 10.49 28.37
C ASP A 48 -44.66 9.53 29.54
N GLY A 49 -43.99 9.83 30.65
CA GLY A 49 -44.09 9.02 31.83
C GLY A 49 -43.25 7.76 31.84
N GLU A 50 -42.49 7.49 30.78
CA GLU A 50 -41.68 6.27 30.64
C GLU A 50 -40.20 6.63 30.69
N THR A 51 -39.46 5.98 31.60
CA THR A 51 -38.04 6.29 31.78
C THR A 51 -37.20 5.58 30.73
N SER A 52 -36.22 6.31 30.21
CA SER A 52 -35.39 5.72 29.18
C SER A 52 -33.95 6.20 29.32
N LEU A 53 -33.01 5.39 28.87
CA LEU A 53 -31.64 5.86 28.65
C LEU A 53 -31.51 6.24 27.19
N LEU A 54 -31.06 7.46 26.91
CA LEU A 54 -30.73 7.85 25.55
C LEU A 54 -29.22 7.71 25.32
N ASP A 55 -28.82 6.96 24.33
CA ASP A 55 -27.43 6.92 23.91
C ASP A 55 -27.36 7.69 22.60
N ILE A 56 -26.71 8.86 22.63
CA ILE A 56 -26.76 9.77 21.49
C ILE A 56 -25.39 9.78 20.83
N LEU A 57 -25.35 9.49 19.53
CA LEU A 57 -24.13 9.60 18.74
C LEU A 57 -24.20 10.88 17.93
N ASP A 58 -23.24 11.77 18.19
CA ASP A 58 -23.14 13.05 17.50
C ASP A 58 -22.09 12.86 16.40
N THR A 59 -22.51 12.91 15.14
CA THR A 59 -21.64 12.63 14.01
C THR A 59 -21.08 13.91 13.42
N ALA A 60 -19.95 13.80 12.73
CA ALA A 60 -19.41 14.91 11.95
C ALA A 60 -20.27 15.14 10.71
N GLY A 61 -20.38 16.39 10.28
CA GLY A 61 -21.15 16.74 9.07
C GLY A 61 -20.35 16.59 7.79
N GLN A 62 -19.79 15.44 7.55
CA GLN A 62 -19.06 15.07 6.36
C GLN A 62 -19.60 13.72 5.97
N GLU A 63 -19.62 13.43 4.67
CA GLU A 63 -20.10 12.13 4.20
C GLU A 63 -18.97 11.22 3.75
N GLU A 64 -17.71 11.66 3.83
CA GLU A 64 -16.60 10.75 3.65
C GLU A 64 -16.56 9.75 4.81
N TYR A 65 -15.74 8.73 4.65
CA TYR A 65 -15.61 7.61 5.57
C TYR A 65 -16.87 6.76 5.59
N SER A 66 -17.22 6.26 4.41
CA SER A 66 -18.49 5.56 4.26
C SER A 66 -18.56 4.31 5.13
N ALA A 67 -17.45 3.59 5.32
CA ALA A 67 -17.49 2.40 6.17
C ALA A 67 -17.93 2.78 7.58
N MET A 68 -17.36 3.85 8.14
N MET A 68 -17.36 3.85 8.13
CA MET A 68 -17.74 4.27 9.48
CA MET A 68 -17.73 4.29 9.46
C MET A 68 -19.16 4.79 9.49
C MET A 68 -19.16 4.80 9.49
N ARG A 69 -19.52 5.66 8.54
CA ARG A 69 -20.86 6.23 8.55
C ARG A 69 -21.93 5.18 8.30
N ASP A 70 -21.64 4.19 7.47
CA ASP A 70 -22.59 3.09 7.29
C ASP A 70 -22.83 2.37 8.62
N GLN A 71 -21.76 2.12 9.38
CA GLN A 71 -21.94 1.46 10.66
C GLN A 71 -22.76 2.32 11.60
N TYR A 72 -22.57 3.65 11.58
CA TYR A 72 -23.40 4.50 12.44
C TYR A 72 -24.87 4.29 12.14
N MET A 73 -25.20 4.16 10.85
CA MET A 73 -26.58 4.03 10.42
C MET A 73 -27.12 2.63 10.70
N ARG A 74 -26.28 1.60 10.63
CA ARG A 74 -26.76 0.26 10.95
C ARG A 74 -27.09 0.14 12.42
N THR A 75 -26.26 0.72 13.29
CA THR A 75 -26.45 0.63 14.73
C THR A 75 -27.56 1.55 15.22
N GLY A 76 -27.74 2.71 14.60
CA GLY A 76 -28.70 3.70 15.09
C GLY A 76 -30.14 3.22 14.91
N GLU A 77 -30.97 3.51 15.90
CA GLU A 77 -32.38 3.17 15.86
C GLU A 77 -33.23 4.30 15.31
N GLY A 78 -32.78 5.52 15.46
CA GLY A 78 -33.53 6.66 14.97
C GLY A 78 -32.56 7.79 14.73
N PHE A 79 -32.95 8.70 13.83
CA PHE A 79 -32.05 9.72 13.31
C PHE A 79 -32.70 11.10 13.37
N LEU A 80 -31.96 12.07 13.90
CA LEU A 80 -32.33 13.47 13.69
C LEU A 80 -31.64 13.96 12.43
N LEU A 81 -32.43 14.47 11.48
CA LEU A 81 -31.93 15.03 10.22
C LEU A 81 -31.93 16.54 10.45
N VAL A 82 -30.74 17.12 10.70
CA VAL A 82 -30.65 18.52 11.10
C VAL A 82 -30.21 19.38 9.92
N PHE A 83 -30.93 20.46 9.67
CA PHE A 83 -30.43 21.53 8.81
C PHE A 83 -30.54 22.84 9.56
N ALA A 84 -29.91 23.89 9.02
CA ALA A 84 -30.02 25.22 9.62
C ALA A 84 -30.89 26.11 8.75
N ILE A 85 -31.80 26.85 9.38
CA ILE A 85 -32.76 27.65 8.62
C ILE A 85 -32.10 28.79 7.86
N ASN A 86 -30.83 29.06 8.13
CA ASN A 86 -30.11 30.11 7.42
C ASN A 86 -29.02 29.53 6.52
N ASN A 87 -29.18 28.27 6.12
CA ASN A 87 -28.20 27.59 5.25
C ASN A 87 -29.02 26.77 4.26
N THR A 88 -29.22 27.32 3.06
CA THR A 88 -30.04 26.63 2.07
C THR A 88 -29.41 25.32 1.63
N LYS A 89 -28.10 25.31 1.40
CA LYS A 89 -27.44 24.07 1.02
C LYS A 89 -27.69 22.96 2.05
N SER A 90 -27.69 23.31 3.34
CA SER A 90 -27.90 22.27 4.35
C SER A 90 -29.29 21.65 4.26
N PHE A 91 -30.28 22.44 3.85
CA PHE A 91 -31.61 21.91 3.63
C PHE A 91 -31.66 21.06 2.36
N GLU A 92 -31.03 21.52 1.27
CA GLU A 92 -30.93 20.72 0.06
C GLU A 92 -30.17 19.44 0.30
N ASP A 93 -29.29 19.40 1.30
CA ASP A 93 -28.56 18.18 1.63
C ASP A 93 -29.42 17.12 2.30
N ILE A 94 -30.57 17.49 2.85
CA ILE A 94 -31.31 16.58 3.72
C ILE A 94 -31.65 15.27 3.01
N HIS A 95 -32.07 15.35 1.76
CA HIS A 95 -32.53 14.13 1.08
C HIS A 95 -31.41 13.12 0.97
N HIS A 96 -30.16 13.58 0.87
CA HIS A 96 -29.03 12.65 0.77
C HIS A 96 -28.84 11.87 2.06
N TYR A 97 -29.01 12.53 3.21
CA TYR A 97 -28.87 11.82 4.48
C TYR A 97 -29.97 10.79 4.62
N ARG A 98 -31.18 11.17 4.24
CA ARG A 98 -32.28 10.21 4.31
C ARG A 98 -32.05 9.03 3.38
N GLU A 99 -31.57 9.29 2.17
CA GLU A 99 -31.34 8.20 1.22
C GLU A 99 -30.26 7.26 1.72
N GLN A 100 -29.20 7.80 2.32
CA GLN A 100 -28.15 6.96 2.88
C GLN A 100 -28.68 6.07 3.99
N ILE A 101 -29.53 6.62 4.87
CA ILE A 101 -30.06 5.77 5.95
C ILE A 101 -30.94 4.67 5.39
N LYS A 102 -31.80 4.98 4.42
CA LYS A 102 -32.65 3.96 3.80
C LYS A 102 -31.81 2.87 3.14
N ARG A 103 -30.73 3.26 2.48
CA ARG A 103 -29.95 2.28 1.74
C ARG A 103 -29.19 1.39 2.69
N VAL A 104 -28.61 1.97 3.74
CA VAL A 104 -27.80 1.19 4.66
C VAL A 104 -28.68 0.27 5.49
N LYS A 105 -29.82 0.76 5.93
CA LYS A 105 -30.74 -0.05 6.72
C LYS A 105 -31.71 -0.86 5.86
N ASP A 106 -31.65 -0.69 4.53
CA ASP A 106 -32.45 -1.48 3.58
C ASP A 106 -33.94 -1.39 3.93
N SER A 107 -34.42 -0.17 4.11
CA SER A 107 -35.77 -0.01 4.62
C SER A 107 -36.32 1.34 4.19
N GLU A 108 -37.62 1.36 3.87
CA GLU A 108 -38.32 2.60 3.60
C GLU A 108 -38.92 3.22 4.85
N ASP A 109 -38.88 2.52 5.98
CA ASP A 109 -39.53 2.97 7.21
C ASP A 109 -38.52 2.94 8.36
N VAL A 110 -37.69 3.99 8.44
CA VAL A 110 -36.72 4.14 9.52
C VAL A 110 -37.17 5.35 10.33
N PRO A 111 -37.19 5.27 11.67
CA PRO A 111 -37.54 6.45 12.50
C PRO A 111 -36.60 7.64 12.28
N MET A 112 -37.20 8.77 11.93
CA MET A 112 -36.44 9.97 11.66
C MET A 112 -37.31 11.19 11.98
N VAL A 113 -36.64 12.30 12.31
CA VAL A 113 -37.29 13.60 12.54
C VAL A 113 -36.46 14.65 11.82
N LEU A 114 -37.14 15.55 11.09
CA LEU A 114 -36.49 16.68 10.43
C LEU A 114 -36.44 17.83 11.43
N VAL A 115 -35.25 18.39 11.59
CA VAL A 115 -35.01 19.45 12.56
C VAL A 115 -34.46 20.67 11.85
N GLY A 116 -35.21 21.77 11.91
CA GLY A 116 -34.74 23.02 11.36
C GLY A 116 -34.18 23.89 12.47
N ASN A 117 -32.86 23.95 12.60
CA ASN A 117 -32.21 24.58 13.74
C ASN A 117 -31.80 26.01 13.40
N LYS A 118 -31.36 26.74 14.45
CA LYS A 118 -30.98 28.17 14.39
C LYS A 118 -32.18 29.06 14.15
N SER A 119 -33.34 28.65 14.70
CA SER A 119 -34.57 29.42 14.49
CA SER A 119 -34.58 29.42 14.50
C SER A 119 -34.55 30.80 15.16
N ASP A 120 -33.62 31.04 16.08
CA ASP A 120 -33.42 32.36 16.68
C ASP A 120 -32.82 33.38 15.71
N LEU A 121 -32.26 32.92 14.51
CA LEU A 121 -31.46 33.92 13.81
C LEU A 121 -32.30 34.68 12.81
N PRO A 122 -31.91 35.95 12.58
CA PRO A 122 -32.64 36.81 11.65
C PRO A 122 -32.19 36.71 10.19
N SER A 123 -31.47 35.63 9.85
CA SER A 123 -30.88 35.47 8.52
C SER A 123 -31.49 34.30 7.76
N ARG A 124 -32.77 34.03 8.01
CA ARG A 124 -33.41 32.87 7.40
C ARG A 124 -33.27 32.86 5.88
N THR A 125 -32.93 31.69 5.34
CA THR A 125 -32.97 31.45 3.90
C THR A 125 -33.92 30.34 3.49
N VAL A 126 -34.34 29.49 4.42
CA VAL A 126 -35.23 28.37 4.15
C VAL A 126 -36.58 28.67 4.80
N ASP A 127 -37.64 28.69 3.99
CA ASP A 127 -38.97 28.96 4.53
C ASP A 127 -39.50 27.76 5.29
N THR A 128 -40.21 28.04 6.39
CA THR A 128 -40.82 26.96 7.17
C THR A 128 -41.71 26.09 6.30
N LYS A 129 -42.49 26.72 5.41
CA LYS A 129 -43.38 25.94 4.56
C LYS A 129 -42.62 24.92 3.73
N GLN A 130 -41.45 25.28 3.19
CA GLN A 130 -40.69 24.31 2.41
C GLN A 130 -40.30 23.11 3.27
N ALA A 131 -39.94 23.37 4.52
CA ALA A 131 -39.51 22.28 5.40
C ALA A 131 -40.67 21.41 5.81
N GLN A 132 -41.80 22.02 6.17
CA GLN A 132 -43.00 21.26 6.46
C GLN A 132 -43.42 20.41 5.27
N ASP A 133 -43.34 20.95 4.06
CA ASP A 133 -43.70 20.17 2.88
C ASP A 133 -42.77 18.96 2.72
N LEU A 134 -41.47 19.16 2.91
CA LEU A 134 -40.55 18.05 2.77
C LEU A 134 -40.82 16.98 3.83
N ALA A 135 -41.00 17.38 5.08
CA ALA A 135 -41.27 16.39 6.11
C ALA A 135 -42.57 15.63 5.84
N ARG A 136 -43.60 16.35 5.40
CA ARG A 136 -44.86 15.69 5.07
C ARG A 136 -44.65 14.67 3.95
N SER A 137 -43.80 15.01 2.95
CA SER A 137 -43.57 14.10 1.84
C SER A 137 -42.89 12.82 2.30
N TYR A 138 -42.12 12.90 3.37
CA TYR A 138 -41.37 11.78 3.95
C TYR A 138 -42.17 11.04 5.01
N GLY A 139 -43.32 11.59 5.40
CA GLY A 139 -44.13 11.04 6.49
C GLY A 139 -43.45 11.08 7.84
N ILE A 140 -42.68 12.14 8.11
CA ILE A 140 -41.96 12.26 9.38
C ILE A 140 -42.26 13.62 9.99
N PRO A 141 -42.06 13.77 11.29
CA PRO A 141 -42.28 15.05 11.96
C PRO A 141 -41.23 16.10 11.57
N PHE A 142 -41.64 17.36 11.65
CA PHE A 142 -40.74 18.50 11.52
C PHE A 142 -40.76 19.34 12.79
N ILE A 143 -39.60 19.59 13.35
CA ILE A 143 -39.47 20.40 14.57
C ILE A 143 -38.54 21.57 14.30
N GLU A 144 -38.98 22.78 14.66
CA GLU A 144 -38.13 23.97 14.63
C GLU A 144 -37.39 24.12 15.95
N THR A 145 -36.08 24.34 15.89
CA THR A 145 -35.31 24.37 17.13
C THR A 145 -34.38 25.55 17.14
N SER A 146 -33.91 25.88 18.33
CA SER A 146 -32.74 26.75 18.50
C SER A 146 -31.93 26.20 19.66
N ALA A 147 -30.74 25.68 19.37
CA ALA A 147 -29.84 25.31 20.46
C ALA A 147 -29.49 26.49 21.35
N LYS A 148 -29.57 27.72 20.84
CA LYS A 148 -29.12 28.85 21.64
C LYS A 148 -30.15 29.21 22.71
N THR A 149 -31.43 29.21 22.36
CA THR A 149 -32.48 29.59 23.29
C THR A 149 -33.12 28.37 23.94
N ARG A 150 -32.79 27.17 23.46
CA ARG A 150 -33.36 25.89 23.96
C ARG A 150 -34.76 25.63 23.35
N GLN A 151 -35.29 26.53 22.52
CA GLN A 151 -36.55 26.25 21.81
C GLN A 151 -36.51 24.90 21.10
N GLY A 152 -37.48 24.05 21.42
CA GLY A 152 -37.67 22.80 20.67
C GLY A 152 -36.63 21.72 20.91
N VAL A 153 -35.64 21.93 21.78
CA VAL A 153 -34.55 20.95 21.90
C VAL A 153 -35.07 19.63 22.48
N ASP A 154 -35.70 19.69 23.66
CA ASP A 154 -36.28 18.46 24.20
C ASP A 154 -37.27 17.85 23.22
N ASP A 155 -38.09 18.70 22.61
CA ASP A 155 -39.11 18.27 21.67
C ASP A 155 -38.51 17.45 20.54
N ALA A 156 -37.38 17.87 20.00
CA ALA A 156 -36.80 17.16 18.88
C ALA A 156 -36.39 15.74 19.27
N PHE A 157 -35.67 15.62 20.38
CA PHE A 157 -35.19 14.29 20.78
C PHE A 157 -36.34 13.43 21.26
N TYR A 158 -37.29 14.01 22.00
CA TYR A 158 -38.40 13.23 22.50
C TYR A 158 -39.30 12.76 21.36
N THR A 159 -39.52 13.62 20.36
CA THR A 159 -40.34 13.22 19.21
C THR A 159 -39.66 12.07 18.46
N LEU A 160 -38.33 12.10 18.37
CA LEU A 160 -37.63 10.98 17.74
C LEU A 160 -37.83 9.70 18.55
N VAL A 161 -37.78 9.78 19.88
CA VAL A 161 -38.08 8.58 20.68
C VAL A 161 -39.50 8.08 20.42
N ARG A 162 -40.47 9.00 20.34
CA ARG A 162 -41.84 8.57 20.01
C ARG A 162 -41.90 7.88 18.65
N GLU A 163 -41.17 8.38 17.66
CA GLU A 163 -41.11 7.76 16.34
C GLU A 163 -40.53 6.34 16.41
N ILE A 164 -39.52 6.12 17.26
CA ILE A 164 -38.98 4.77 17.45
C ILE A 164 -40.02 3.88 18.13
N ARG A 165 -40.58 4.36 19.25
CA ARG A 165 -41.58 3.58 19.99
C ARG A 165 -42.77 3.25 19.08
N LYS A 166 -43.17 4.20 18.22
CA LYS A 166 -44.25 3.95 17.26
C LYS A 166 -43.84 2.91 16.22
N HIS A 167 -42.63 3.07 15.66
CA HIS A 167 -42.15 2.19 14.60
C HIS A 167 -42.15 0.74 15.04
N LYS A 168 -41.69 0.49 16.26
CA LYS A 168 -41.73 -0.86 16.82
C LYS A 168 -43.16 -1.34 17.03
N ASN B 4 16.72 21.30 -0.11
CA ASN B 4 15.52 21.29 0.74
C ASN B 4 15.82 21.78 2.15
N PRO B 5 15.07 22.79 2.61
CA PRO B 5 15.30 23.31 3.96
C PRO B 5 14.84 22.32 5.03
N THR B 6 15.37 22.51 6.24
CA THR B 6 15.01 21.71 7.41
C THR B 6 14.48 22.65 8.47
N VAL B 7 13.36 22.32 9.08
CA VAL B 7 12.88 23.14 10.19
C VAL B 7 12.69 22.22 11.39
N PHE B 8 12.65 22.82 12.57
CA PHE B 8 12.43 22.04 13.77
C PHE B 8 11.26 22.59 14.57
N PHE B 9 10.61 21.70 15.29
CA PHE B 9 9.67 22.03 16.38
C PHE B 9 10.23 21.46 17.68
N ASP B 10 10.29 22.29 18.74
CA ASP B 10 10.51 21.78 20.09
C ASP B 10 9.14 21.62 20.73
N ILE B 11 8.72 20.39 20.95
CA ILE B 11 7.39 20.07 21.43
C ILE B 11 7.37 20.06 22.95
N ALA B 12 6.32 20.61 23.57
CA ALA B 12 6.16 20.62 25.02
C ALA B 12 4.81 20.02 25.40
N VAL B 13 4.76 19.45 26.60
CA VAL B 13 3.58 18.83 27.19
C VAL B 13 3.32 19.64 28.45
N ASP B 14 2.19 20.38 28.49
CA ASP B 14 1.91 21.30 29.60
C ASP B 14 3.15 22.15 29.91
N GLY B 15 3.84 22.60 28.87
CA GLY B 15 5.00 23.45 28.98
C GLY B 15 6.32 22.74 29.22
N GLU B 16 6.29 21.44 29.51
CA GLU B 16 7.53 20.70 29.77
C GLU B 16 8.09 20.17 28.45
N PRO B 17 9.38 20.34 28.20
CA PRO B 17 9.96 19.85 26.93
C PRO B 17 9.79 18.34 26.81
N LEU B 18 9.29 17.93 25.65
CA LEU B 18 9.14 16.53 25.28
C LEU B 18 10.27 16.12 24.38
N GLY B 19 10.52 16.89 23.34
CA GLY B 19 11.62 16.57 22.45
C GLY B 19 11.51 17.38 21.19
N ARG B 20 12.50 17.20 20.32
CA ARG B 20 12.57 17.94 19.07
C ARG B 20 12.19 17.05 17.89
N VAL B 21 11.37 17.59 17.00
CA VAL B 21 11.06 16.96 15.71
C VAL B 21 11.63 17.87 14.62
N SER B 22 12.35 17.29 13.67
CA SER B 22 12.80 18.09 12.54
C SER B 22 12.19 17.52 11.26
N PHE B 23 12.01 18.40 10.27
CA PHE B 23 11.33 18.04 9.04
C PHE B 23 12.16 18.49 7.86
N GLU B 24 12.25 17.63 6.83
CA GLU B 24 12.73 18.08 5.53
C GLU B 24 11.51 18.63 4.80
N LEU B 25 11.64 19.80 4.20
CA LEU B 25 10.55 20.40 3.43
C LEU B 25 10.87 20.30 1.96
N PHE B 26 9.93 19.74 1.18
CA PHE B 26 10.18 19.46 -0.23
C PHE B 26 10.03 20.70 -1.09
N ALA B 27 10.94 21.65 -0.87
CA ALA B 27 10.99 22.86 -1.68
C ALA B 27 11.25 22.55 -3.14
N ASP B 28 11.92 21.41 -3.42
CA ASP B 28 12.23 21.02 -4.80
C ASP B 28 10.97 20.70 -5.59
N LYS B 29 9.94 20.18 -4.93
CA LYS B 29 8.73 19.75 -5.61
C LYS B 29 7.53 20.61 -5.26
N VAL B 30 7.50 21.19 -4.09
CA VAL B 30 6.33 21.92 -3.62
C VAL B 30 6.80 23.27 -3.07
N PRO B 31 7.38 24.16 -3.89
CA PRO B 31 8.06 25.35 -3.32
C PRO B 31 7.17 26.34 -2.57
N LYS B 32 5.98 26.64 -3.07
CA LYS B 32 5.11 27.62 -2.40
C LYS B 32 4.63 27.11 -1.05
N THR B 33 4.28 25.83 -0.99
CA THR B 33 3.79 25.24 0.24
C THR B 33 4.90 25.07 1.26
N ALA B 34 6.07 24.63 0.79
CA ALA B 34 7.25 24.50 1.65
C ALA B 34 7.65 25.86 2.21
N GLU B 35 7.64 26.89 1.37
CA GLU B 35 8.05 28.21 1.85
C GLU B 35 7.08 28.74 2.90
N ASN B 36 5.79 28.48 2.75
CA ASN B 36 4.83 28.91 3.76
C ASN B 36 5.16 28.32 5.11
N PHE B 37 5.34 27.00 5.15
CA PHE B 37 5.65 26.32 6.41
C PHE B 37 6.99 26.78 6.98
N ARG B 38 8.01 26.95 6.12
CA ARG B 38 9.30 27.42 6.60
C ARG B 38 9.16 28.77 7.27
N ALA B 39 8.51 29.72 6.59
CA ALA B 39 8.38 31.07 7.14
C ALA B 39 7.52 31.11 8.41
N LEU B 40 6.43 30.33 8.45
CA LEU B 40 5.62 30.24 9.68
C LEU B 40 6.45 29.67 10.84
N SER B 41 7.43 28.83 10.54
CA SER B 41 8.26 28.21 11.56
C SER B 41 9.33 29.15 12.09
N THR B 42 9.89 30.02 11.25
CA THR B 42 10.84 31.00 11.77
C THR B 42 10.15 32.20 12.39
N GLY B 43 8.87 32.40 12.09
CA GLY B 43 8.18 33.59 12.53
C GLY B 43 8.57 34.86 11.82
N GLU B 44 9.26 34.79 10.68
CA GLU B 44 9.87 36.00 10.12
C GLU B 44 8.86 37.00 9.58
N LYS B 45 7.62 36.56 9.29
CA LYS B 45 6.58 37.50 8.90
C LYS B 45 5.90 38.17 10.08
N GLY B 46 6.25 37.83 11.32
CA GLY B 46 5.65 38.42 12.49
C GLY B 46 4.53 37.60 13.08
N PHE B 47 4.28 36.42 12.53
CA PHE B 47 3.31 35.51 13.09
C PHE B 47 3.77 34.12 12.69
N GLY B 48 3.23 33.10 13.36
CA GLY B 48 3.57 31.74 12.99
C GLY B 48 3.31 30.75 14.12
N TYR B 49 3.97 29.60 14.01
CA TYR B 49 3.62 28.45 14.82
C TYR B 49 4.06 28.53 16.28
N LYS B 50 5.06 29.36 16.62
CA LYS B 50 5.56 29.30 17.99
C LYS B 50 4.46 29.61 18.99
N GLY B 51 4.24 28.68 19.93
CA GLY B 51 3.22 28.81 20.96
C GLY B 51 1.94 28.07 20.66
N SER B 52 1.70 27.70 19.40
CA SER B 52 0.44 27.10 19.01
C SER B 52 0.42 25.63 19.41
N CYS B 53 -0.76 25.04 19.33
CA CYS B 53 -0.89 23.69 19.86
C CYS B 53 -1.25 22.66 18.79
N PHE B 54 -0.96 21.41 19.11
CA PHE B 54 -1.49 20.28 18.34
C PHE B 54 -2.85 20.01 18.96
N HIS B 55 -3.88 20.51 18.32
CA HIS B 55 -5.22 20.42 18.87
C HIS B 55 -5.91 19.09 18.62
N ARG B 56 -5.46 18.29 17.65
CA ARG B 56 -6.17 17.07 17.27
C ARG B 56 -5.14 15.97 17.08
N ILE B 57 -5.11 15.01 17.98
CA ILE B 57 -4.16 13.89 17.93
C ILE B 57 -4.99 12.62 18.01
N ILE B 58 -4.98 11.85 16.92
CA ILE B 58 -5.80 10.65 16.85
C ILE B 58 -4.85 9.48 16.65
N PRO B 59 -4.67 8.63 17.67
CA PRO B 59 -3.70 7.54 17.58
C PRO B 59 -4.02 6.62 16.43
N GLY B 60 -2.97 6.24 15.72
CA GLY B 60 -3.08 5.41 14.55
C GLY B 60 -3.30 6.19 13.28
N PHE B 61 -3.46 7.50 13.37
CA PHE B 61 -3.71 8.31 12.19
C PHE B 61 -2.77 9.49 12.05
N MET B 62 -2.91 10.51 12.89
CA MET B 62 -2.12 11.73 12.66
C MET B 62 -2.14 12.64 13.88
N CYS B 63 -1.20 13.60 13.83
CA CYS B 63 -1.13 14.72 14.76
C CYS B 63 -1.32 15.99 13.96
N GLN B 64 -2.32 16.79 14.29
CA GLN B 64 -2.70 17.99 13.56
C GLN B 64 -2.55 19.24 14.42
N GLY B 65 -1.93 20.26 13.85
CA GLY B 65 -1.78 21.53 14.55
C GLY B 65 -1.81 22.72 13.62
N GLY B 66 -1.39 23.87 14.15
CA GLY B 66 -1.14 25.02 13.32
C GLY B 66 -2.13 26.15 13.41
N ASP B 67 -3.14 26.09 14.30
CA ASP B 67 -4.05 27.22 14.42
C ASP B 67 -3.48 28.24 15.40
N PHE B 68 -2.78 29.24 14.88
CA PHE B 68 -2.27 30.33 15.70
C PHE B 68 -3.13 31.59 15.68
N THR B 69 -4.24 31.62 14.93
CA THR B 69 -5.10 32.80 14.88
C THR B 69 -6.32 32.71 15.77
N ARG B 70 -6.97 31.57 15.87
CA ARG B 70 -8.14 31.43 16.73
C ARG B 70 -7.89 30.54 17.93
N HIS B 71 -6.82 29.74 17.91
CA HIS B 71 -6.43 28.92 19.05
C HIS B 71 -7.51 27.94 19.43
N ASN B 72 -8.30 27.50 18.45
CA ASN B 72 -9.40 26.61 18.78
C ASN B 72 -9.58 25.50 17.74
N GLY B 73 -8.66 25.34 16.80
CA GLY B 73 -8.72 24.34 15.76
C GLY B 73 -9.40 24.76 14.47
N THR B 74 -9.95 25.97 14.42
CA THR B 74 -10.69 26.45 13.26
C THR B 74 -9.93 27.46 12.42
N GLY B 75 -8.83 28.00 12.93
CA GLY B 75 -8.19 29.11 12.29
C GLY B 75 -6.86 28.80 11.65
N GLY B 76 -6.01 29.82 11.60
CA GLY B 76 -4.75 29.77 10.90
C GLY B 76 -4.75 30.68 9.67
N LYS B 77 -3.55 30.96 9.18
CA LYS B 77 -3.41 31.80 8.00
C LYS B 77 -2.06 31.54 7.38
N SER B 78 -2.00 31.71 6.07
CA SER B 78 -0.75 31.53 5.33
C SER B 78 -0.02 32.85 5.25
N ILE B 79 1.24 32.78 4.77
CA ILE B 79 2.02 33.97 4.47
C ILE B 79 1.54 34.70 3.23
N TYR B 80 0.58 34.14 2.49
CA TYR B 80 0.10 34.70 1.23
C TYR B 80 -1.27 35.34 1.35
N GLY B 81 -1.99 35.09 2.46
CA GLY B 81 -3.38 35.48 2.60
C GLY B 81 -4.05 34.48 3.52
N GLU B 82 -5.37 34.60 3.73
CA GLU B 82 -6.04 33.60 4.55
C GLU B 82 -5.93 32.20 3.93
N LYS B 83 -5.92 32.09 2.60
CA LYS B 83 -5.89 30.77 1.96
C LYS B 83 -5.11 30.82 0.65
N PHE B 84 -4.49 29.69 0.28
CA PHE B 84 -3.80 29.57 -1.01
C PHE B 84 -4.14 28.24 -1.70
N GLU B 85 -3.94 28.20 -3.02
CA GLU B 85 -4.38 27.05 -3.80
C GLU B 85 -3.54 25.80 -3.52
N ASP B 86 -4.12 24.64 -3.83
CA ASP B 86 -3.39 23.39 -3.77
C ASP B 86 -2.34 23.40 -4.89
N GLU B 87 -1.07 23.37 -4.47
CA GLU B 87 0.02 23.60 -5.40
C GLU B 87 0.16 22.44 -6.39
N ASN B 88 0.28 21.23 -5.86
CA ASN B 88 0.29 20.02 -6.68
C ASN B 88 0.01 18.85 -5.75
N PHE B 89 -0.23 17.68 -6.35
CA PHE B 89 -0.42 16.45 -5.59
C PHE B 89 0.65 15.42 -5.99
N ILE B 90 1.86 15.90 -6.27
CA ILE B 90 2.93 15.00 -6.72
C ILE B 90 3.28 13.98 -5.64
N LEU B 91 3.40 14.43 -4.40
CA LEU B 91 3.79 13.56 -3.31
C LEU B 91 2.57 12.97 -2.63
N LYS B 92 2.73 11.77 -2.10
CA LYS B 92 1.65 10.96 -1.55
C LYS B 92 1.88 10.68 -0.07
N HIS B 93 0.78 10.28 0.60
CA HIS B 93 0.79 9.99 2.03
C HIS B 93 1.20 8.54 2.25
N THR B 94 2.50 8.28 2.12
CA THR B 94 2.97 6.90 1.98
C THR B 94 3.27 6.19 3.29
N GLY B 95 3.40 6.91 4.38
CA GLY B 95 3.58 6.24 5.65
C GLY B 95 3.84 7.24 6.77
N PRO B 96 4.14 6.73 7.96
CA PRO B 96 4.39 7.59 9.12
C PRO B 96 5.50 8.59 8.84
N GLY B 97 5.28 9.82 9.31
CA GLY B 97 6.22 10.91 9.20
C GLY B 97 5.92 11.88 8.08
N ILE B 98 4.97 11.57 7.20
CA ILE B 98 4.62 12.51 6.13
C ILE B 98 3.99 13.77 6.74
N LEU B 99 4.39 14.91 6.21
CA LEU B 99 3.91 16.23 6.60
C LEU B 99 3.08 16.81 5.45
N SER B 100 1.82 17.13 5.75
CA SER B 100 0.88 17.49 4.73
C SER B 100 -0.05 18.60 5.23
N MET B 101 -0.67 19.33 4.29
CA MET B 101 -1.52 20.44 4.71
C MET B 101 -2.93 19.97 5.06
N ALA B 102 -3.43 20.44 6.19
CA ALA B 102 -4.83 20.30 6.52
C ALA B 102 -5.62 21.37 5.73
N ASN B 103 -6.90 21.11 5.48
CA ASN B 103 -7.67 22.11 4.73
C ASN B 103 -9.14 21.90 4.97
N ALA B 104 -9.94 22.83 4.46
CA ALA B 104 -11.40 22.74 4.51
C ALA B 104 -11.99 22.48 3.14
N GLY B 105 -11.27 21.75 2.29
CA GLY B 105 -11.70 21.56 0.93
C GLY B 105 -10.69 22.08 -0.06
N PRO B 106 -10.99 21.95 -1.35
CA PRO B 106 -10.01 22.36 -2.38
C PRO B 106 -9.59 23.82 -2.22
N ASN B 107 -8.28 24.05 -2.33
CA ASN B 107 -7.70 25.40 -2.42
C ASN B 107 -7.98 26.24 -1.17
N THR B 108 -7.82 25.63 0.01
CA THR B 108 -8.06 26.36 1.25
C THR B 108 -6.88 26.18 2.23
N ASN B 109 -5.66 26.11 1.71
CA ASN B 109 -4.48 25.97 2.56
C ASN B 109 -4.25 27.25 3.34
N GLY B 110 -3.98 27.10 4.64
CA GLY B 110 -3.65 28.25 5.46
C GLY B 110 -2.36 27.96 6.19
N SER B 111 -2.47 27.60 7.47
CA SER B 111 -1.33 27.19 8.28
C SER B 111 -1.52 25.81 8.89
N GLN B 112 -2.73 25.31 9.02
CA GLN B 112 -2.87 24.01 9.67
C GLN B 112 -2.24 22.90 8.84
N PHE B 113 -1.64 21.94 9.54
CA PHE B 113 -0.89 20.87 8.91
C PHE B 113 -1.11 19.62 9.77
N PHE B 114 -0.66 18.48 9.25
CA PHE B 114 -0.72 17.26 10.01
C PHE B 114 0.52 16.42 9.71
N ILE B 115 0.90 15.64 10.70
CA ILE B 115 1.99 14.68 10.60
C ILE B 115 1.39 13.28 10.68
N CYS B 116 1.54 12.50 9.62
CA CYS B 116 0.98 11.16 9.63
C CYS B 116 1.71 10.26 10.60
N THR B 117 0.96 9.43 11.32
CA THR B 117 1.55 8.36 12.10
C THR B 117 1.22 7.01 11.50
N ALA B 118 0.75 7.02 10.27
CA ALA B 118 0.36 5.82 9.54
C ALA B 118 0.36 6.17 8.06
N LYS B 119 0.29 5.14 7.23
CA LYS B 119 0.02 5.35 5.80
C LYS B 119 -1.45 5.77 5.68
N THR B 120 -1.70 6.91 5.04
CA THR B 120 -3.05 7.48 4.95
C THR B 120 -3.37 7.79 3.47
N GLU B 121 -3.38 6.73 2.67
CA GLU B 121 -3.42 6.89 1.23
C GLU B 121 -4.73 7.47 0.73
N TRP B 122 -5.82 7.37 1.50
CA TRP B 122 -7.09 7.96 1.07
C TRP B 122 -7.07 9.49 1.04
N LEU B 123 -6.07 10.11 1.66
CA LEU B 123 -5.92 11.57 1.61
C LEU B 123 -5.18 12.02 0.35
N ASP B 124 -4.62 11.10 -0.41
CA ASP B 124 -3.88 11.47 -1.63
C ASP B 124 -4.80 12.22 -2.59
N GLY B 125 -4.28 13.30 -3.15
CA GLY B 125 -5.07 14.10 -4.07
C GLY B 125 -6.03 15.06 -3.40
N LYS B 126 -6.10 15.09 -2.08
CA LYS B 126 -6.94 16.04 -1.38
C LYS B 126 -6.17 16.91 -0.42
N HIS B 127 -5.00 16.49 0.02
CA HIS B 127 -4.14 17.27 0.89
C HIS B 127 -2.75 17.31 0.26
N VAL B 128 -2.11 18.47 0.30
CA VAL B 128 -0.81 18.66 -0.34
C VAL B 128 0.30 18.21 0.61
N VAL B 129 1.00 17.14 0.24
CA VAL B 129 2.18 16.66 0.95
C VAL B 129 3.37 17.54 0.60
N PHE B 130 4.05 18.02 1.64
CA PHE B 130 5.17 18.93 1.36
C PHE B 130 6.41 18.68 2.24
N GLY B 131 6.43 17.64 3.07
CA GLY B 131 7.65 17.38 3.81
C GLY B 131 7.57 16.02 4.46
N LYS B 132 8.60 15.70 5.26
CA LYS B 132 8.53 14.49 6.07
C LYS B 132 9.45 14.66 7.28
N VAL B 133 9.15 13.92 8.34
CA VAL B 133 9.99 13.92 9.54
C VAL B 133 11.38 13.39 9.19
N LYS B 134 12.40 14.12 9.61
CA LYS B 134 13.81 13.74 9.45
C LYS B 134 14.29 13.07 10.73
N GLU B 135 14.28 13.81 11.83
CA GLU B 135 14.69 13.29 13.12
C GLU B 135 13.52 13.47 14.07
N GLY B 136 13.43 12.60 15.06
CA GLY B 136 12.43 12.74 16.10
C GLY B 136 11.10 12.08 15.83
N MET B 137 11.04 11.05 14.98
CA MET B 137 9.77 10.34 14.82
C MET B 137 9.31 9.75 16.14
N ASN B 138 10.25 9.46 17.03
CA ASN B 138 9.93 8.93 18.36
C ASN B 138 9.19 9.98 19.19
N ILE B 139 9.45 11.27 18.94
CA ILE B 139 8.72 12.35 19.61
C ILE B 139 7.29 12.40 19.09
N VAL B 140 7.11 12.22 17.77
CA VAL B 140 5.76 12.19 17.20
C VAL B 140 4.97 11.01 17.76
N GLU B 141 5.61 9.85 17.87
CA GLU B 141 4.94 8.67 18.42
C GLU B 141 4.57 8.91 19.88
N ALA B 142 5.42 9.63 20.61
CA ALA B 142 5.10 9.94 22.00
C ALA B 142 3.91 10.89 22.09
N MET B 143 3.80 11.83 21.16
CA MET B 143 2.64 12.72 21.17
C MET B 143 1.32 11.94 21.09
N GLU B 144 1.32 10.78 20.41
CA GLU B 144 0.09 9.98 20.34
C GLU B 144 -0.49 9.55 21.70
N ARG B 145 0.35 9.30 22.71
CA ARG B 145 -0.18 8.90 24.02
C ARG B 145 -1.17 9.92 24.59
N PHE B 146 -1.11 11.17 24.12
CA PHE B 146 -1.95 12.22 24.67
C PHE B 146 -3.23 12.41 23.88
N GLY B 147 -3.39 11.68 22.77
CA GLY B 147 -4.58 11.80 21.96
C GLY B 147 -5.68 10.82 22.33
N SER B 148 -6.69 10.77 21.48
CA SER B 148 -7.90 10.01 21.78
C SER B 148 -8.65 9.84 20.47
N ARG B 149 -9.74 9.05 20.54
CA ARG B 149 -10.46 8.70 19.33
C ARG B 149 -11.03 9.93 18.63
N ASN B 150 -11.48 10.93 19.38
CA ASN B 150 -11.99 12.16 18.78
C ASN B 150 -10.95 13.24 18.65
N GLY B 151 -9.69 12.91 18.94
CA GLY B 151 -8.60 13.85 18.77
C GLY B 151 -8.33 14.77 19.92
N LYS B 152 -9.21 14.83 20.92
CA LYS B 152 -8.96 15.67 22.09
C LYS B 152 -7.76 15.16 22.86
N THR B 153 -6.90 16.09 23.30
CA THR B 153 -5.70 15.71 24.01
C THR B 153 -5.86 15.82 25.54
N SER B 154 -5.18 14.93 26.24
CA SER B 154 -5.28 14.85 27.70
C SER B 154 -4.39 15.85 28.41
N LYS B 155 -3.38 16.39 27.73
CA LYS B 155 -2.52 17.48 28.19
C LYS B 155 -2.31 18.38 27.00
N LYS B 156 -1.85 19.60 27.23
CA LYS B 156 -1.68 20.55 26.15
C LYS B 156 -0.35 20.30 25.45
N ILE B 157 -0.42 20.00 24.16
CA ILE B 157 0.76 19.67 23.37
C ILE B 157 1.08 20.88 22.50
N THR B 158 2.20 21.55 22.75
CA THR B 158 2.46 22.80 22.05
C THR B 158 3.81 22.80 21.33
N ILE B 159 3.92 23.72 20.37
CA ILE B 159 5.19 24.03 19.73
C ILE B 159 5.85 25.13 20.56
N ALA B 160 6.68 24.72 21.53
CA ALA B 160 7.31 25.68 22.45
C ALA B 160 8.34 26.54 21.75
N ASP B 161 9.03 25.97 20.77
CA ASP B 161 9.98 26.73 19.95
C ASP B 161 9.95 26.10 18.58
N CYS B 162 10.35 26.88 17.58
CA CYS B 162 10.44 26.37 16.22
C CYS B 162 11.33 27.31 15.43
N GLY B 163 11.87 26.79 14.33
CA GLY B 163 12.81 27.57 13.55
C GLY B 163 13.39 26.72 12.42
N GLN B 164 14.37 27.30 11.75
CA GLN B 164 15.00 26.66 10.62
C GLN B 164 16.41 26.29 11.03
N LEU B 165 16.80 25.06 10.69
CA LEU B 165 18.17 24.57 10.92
C LEU B 165 19.03 24.79 9.71
N SER C 1 14.02 18.96 -23.26
CA SER C 1 14.63 17.77 -23.87
C SER C 1 14.19 16.50 -23.13
N MET C 2 14.80 15.37 -23.48
CA MET C 2 14.52 14.12 -22.83
C MET C 2 15.57 13.81 -21.77
N THR C 3 15.25 12.85 -20.92
CA THR C 3 16.21 12.24 -20.01
C THR C 3 16.06 10.74 -20.15
N GLU C 4 16.98 9.99 -19.56
CA GLU C 4 16.96 8.53 -19.60
C GLU C 4 17.58 8.00 -18.31
N TYR C 5 17.02 6.92 -17.76
CA TYR C 5 17.46 6.38 -16.48
C TYR C 5 17.53 4.87 -16.57
N LYS C 6 18.60 4.29 -16.01
CA LYS C 6 18.76 2.85 -15.87
C LYS C 6 18.32 2.44 -14.46
N LEU C 7 17.19 1.77 -14.37
CA LEU C 7 16.60 1.36 -13.08
C LEU C 7 16.76 -0.14 -12.93
N VAL C 8 17.10 -0.60 -11.73
CA VAL C 8 17.33 -2.01 -11.48
C VAL C 8 16.43 -2.42 -10.33
N VAL C 9 15.70 -3.52 -10.49
CA VAL C 9 14.76 -4.00 -9.48
C VAL C 9 15.38 -5.24 -8.82
N VAL C 10 15.59 -5.18 -7.49
CA VAL C 10 16.21 -6.26 -6.73
C VAL C 10 15.34 -6.62 -5.54
N GLY C 11 15.62 -7.80 -4.99
CA GLY C 11 14.84 -8.28 -3.85
C GLY C 11 14.70 -9.78 -3.89
N ALA C 12 14.22 -10.36 -2.80
CA ALA C 12 14.11 -11.82 -2.70
C ALA C 12 13.17 -12.44 -3.73
N CYS C 13 13.29 -13.74 -3.87
CA CYS C 13 12.42 -14.48 -4.80
C CYS C 13 10.93 -14.34 -4.44
N GLY C 14 10.10 -14.16 -5.46
CA GLY C 14 8.64 -14.15 -5.25
C GLY C 14 8.05 -12.88 -4.64
N VAL C 15 8.82 -11.82 -4.46
CA VAL C 15 8.29 -10.62 -3.77
C VAL C 15 7.43 -9.78 -4.73
N GLY C 16 7.58 -10.00 -6.03
CA GLY C 16 6.85 -9.25 -7.02
C GLY C 16 7.65 -8.31 -7.89
N LYS C 17 8.95 -8.48 -8.00
CA LYS C 17 9.77 -7.60 -8.87
C LYS C 17 9.22 -7.60 -10.30
N SER C 18 9.00 -8.78 -10.85
CA SER C 18 8.52 -8.87 -12.22
C SER C 18 7.10 -8.35 -12.33
N ALA C 19 6.26 -8.67 -11.35
CA ALA C 19 4.88 -8.21 -11.44
C ALA C 19 4.82 -6.68 -11.39
N LEU C 20 5.69 -6.04 -10.58
CA LEU C 20 5.67 -4.59 -10.54
C LEU C 20 6.13 -4.01 -11.86
N THR C 21 7.18 -4.60 -12.43
CA THR C 21 7.74 -4.10 -13.68
C THR C 21 6.77 -4.30 -14.83
N ILE C 22 6.13 -5.46 -14.89
CA ILE C 22 5.18 -5.72 -15.97
C ILE C 22 3.94 -4.82 -15.83
N GLN C 23 3.49 -4.52 -14.61
CA GLN C 23 2.41 -3.55 -14.47
C GLN C 23 2.82 -2.19 -15.01
N LEU C 24 4.03 -1.73 -14.65
CA LEU C 24 4.48 -0.43 -15.12
C LEU C 24 4.53 -0.39 -16.64
N ILE C 25 5.13 -1.41 -17.26
CA ILE C 25 5.44 -1.38 -18.69
C ILE C 25 4.24 -1.81 -19.53
N GLN C 26 3.53 -2.85 -19.11
CA GLN C 26 2.52 -3.50 -19.93
C GLN C 26 1.11 -3.37 -19.38
N ASN C 27 0.96 -2.80 -18.18
CA ASN C 27 -0.35 -2.52 -17.59
C ASN C 27 -1.23 -3.76 -17.43
N HIS C 28 -0.63 -4.86 -16.99
CA HIS C 28 -1.46 -5.99 -16.57
C HIS C 28 -0.73 -6.72 -15.46
N PHE C 29 -1.49 -7.50 -14.69
CA PHE C 29 -0.96 -8.24 -13.55
C PHE C 29 -0.77 -9.69 -13.92
N VAL C 30 0.44 -10.18 -13.67
CA VAL C 30 0.80 -11.59 -13.89
C VAL C 30 0.49 -12.40 -12.63
N ASP C 31 -0.51 -13.28 -12.73
CA ASP C 31 -0.94 -14.11 -11.59
C ASP C 31 -0.03 -15.33 -11.39
N GLU C 32 0.43 -15.93 -12.46
CA GLU C 32 1.30 -17.09 -12.35
C GLU C 32 2.71 -16.61 -12.02
N TYR C 33 3.44 -17.47 -11.31
CA TYR C 33 4.84 -17.17 -10.94
C TYR C 33 5.75 -17.82 -11.97
N ASP C 34 6.40 -17.01 -12.77
CA ASP C 34 7.39 -17.46 -13.74
C ASP C 34 8.71 -16.92 -13.26
N PRO C 35 9.55 -17.73 -12.60
CA PRO C 35 10.81 -17.22 -12.03
C PRO C 35 11.72 -16.58 -13.07
N THR C 36 12.29 -15.43 -12.71
CA THR C 36 13.10 -14.68 -13.65
C THR C 36 14.53 -15.22 -13.78
N ILE C 37 15.04 -15.21 -15.02
CA ILE C 37 16.47 -15.37 -15.27
C ILE C 37 17.00 -13.95 -15.37
N GLU C 38 16.53 -13.18 -16.36
CA GLU C 38 16.83 -11.75 -16.47
C GLU C 38 15.91 -11.18 -17.56
N ASP C 39 15.38 -9.99 -17.32
CA ASP C 39 14.58 -9.34 -18.35
C ASP C 39 14.84 -7.86 -18.34
N SER C 40 14.74 -7.24 -19.52
CA SER C 40 15.02 -5.83 -19.72
C SER C 40 13.84 -5.21 -20.44
N TYR C 41 13.45 -4.02 -20.00
CA TYR C 41 12.31 -3.32 -20.57
C TYR C 41 12.69 -1.88 -20.83
N ARG C 42 11.94 -1.23 -21.72
CA ARG C 42 12.25 0.12 -22.15
C ARG C 42 10.94 0.79 -22.49
N LYS C 43 10.70 1.96 -21.91
CA LYS C 43 9.43 2.67 -22.13
C LYS C 43 9.65 4.16 -21.96
N GLN C 44 8.91 4.95 -22.74
CA GLN C 44 8.91 6.41 -22.62
C GLN C 44 7.76 6.80 -21.70
N VAL C 45 8.06 7.63 -20.72
CA VAL C 45 7.07 8.13 -19.76
C VAL C 45 7.21 9.65 -19.63
N VAL C 46 6.18 10.27 -19.07
CA VAL C 46 6.27 11.69 -18.67
C VAL C 46 6.18 11.75 -17.16
N ILE C 47 7.17 12.37 -16.53
CA ILE C 47 7.25 12.46 -15.07
C ILE C 47 7.47 13.94 -14.72
N ASP C 48 6.52 14.54 -14.01
CA ASP C 48 6.59 15.96 -13.65
C ASP C 48 6.86 16.84 -14.86
N GLY C 49 6.12 16.60 -15.94
CA GLY C 49 6.22 17.38 -17.16
C GLY C 49 7.50 17.19 -17.96
N GLU C 50 8.31 16.21 -17.63
CA GLU C 50 9.57 15.96 -18.31
C GLU C 50 9.52 14.55 -18.89
N THR C 51 9.83 14.44 -20.19
CA THR C 51 9.79 13.17 -20.89
C THR C 51 11.05 12.40 -20.60
N SER C 52 10.90 11.11 -20.30
CA SER C 52 12.04 10.28 -19.95
C SER C 52 11.90 8.89 -20.56
N LEU C 53 13.03 8.31 -20.92
CA LEU C 53 13.12 6.88 -21.23
C LEU C 53 13.56 6.12 -19.98
N LEU C 54 12.78 5.13 -19.60
CA LEU C 54 13.14 4.23 -18.50
C LEU C 54 13.64 2.93 -19.08
N ASP C 55 14.86 2.56 -18.73
CA ASP C 55 15.40 1.25 -19.04
C ASP C 55 15.41 0.47 -17.75
N ILE C 56 14.63 -0.59 -17.67
CA ILE C 56 14.44 -1.30 -16.40
C ILE C 56 15.03 -2.69 -16.52
N LEU C 57 15.95 -3.03 -15.62
CA LEU C 57 16.51 -4.37 -15.51
C LEU C 57 15.79 -5.08 -14.38
N ASP C 58 15.08 -6.15 -14.72
CA ASP C 58 14.36 -7.01 -13.76
C ASP C 58 15.27 -8.20 -13.48
N THR C 59 15.79 -8.29 -12.26
CA THR C 59 16.74 -9.32 -11.86
C THR C 59 16.07 -10.52 -11.20
N ALA C 60 16.77 -11.63 -11.21
CA ALA C 60 16.36 -12.80 -10.46
C ALA C 60 16.58 -12.60 -8.96
N GLY C 61 15.71 -13.18 -8.17
CA GLY C 61 15.83 -13.14 -6.70
C GLY C 61 16.70 -14.27 -6.19
N GLN C 62 17.96 -14.27 -6.56
CA GLN C 62 19.01 -15.17 -6.11
C GLN C 62 20.26 -14.32 -5.99
N GLU C 63 21.10 -14.61 -5.00
CA GLU C 63 22.34 -13.85 -4.87
C GLU C 63 23.57 -14.61 -5.38
N GLU C 64 23.36 -15.75 -6.04
CA GLU C 64 24.44 -16.40 -6.78
C GLU C 64 24.81 -15.57 -8.00
N TYR C 65 25.90 -15.97 -8.64
CA TYR C 65 26.44 -15.29 -9.82
C TYR C 65 26.84 -13.85 -9.49
N SER C 66 27.75 -13.73 -8.52
CA SER C 66 28.11 -12.42 -7.98
C SER C 66 28.73 -11.52 -9.05
N ALA C 67 29.47 -12.11 -9.98
CA ALA C 67 30.09 -11.33 -11.07
C ALA C 67 29.02 -10.67 -11.93
N MET C 68 28.00 -11.43 -12.34
CA MET C 68 26.91 -10.82 -13.07
C MET C 68 26.18 -9.79 -12.21
N ARG C 69 25.87 -10.13 -10.95
CA ARG C 69 25.09 -9.18 -10.16
C ARG C 69 25.88 -7.93 -9.82
N ASP C 70 27.20 -8.05 -9.62
CA ASP C 70 28.02 -6.85 -9.41
C ASP C 70 27.91 -5.93 -10.62
N GLN C 71 27.89 -6.49 -11.82
CA GLN C 71 27.78 -5.63 -13.00
C GLN C 71 26.42 -4.95 -13.05
N TYR C 72 25.36 -5.66 -12.67
CA TYR C 72 24.05 -5.03 -12.62
C TYR C 72 24.10 -3.80 -11.74
N MET C 73 24.81 -3.91 -10.60
CA MET C 73 24.84 -2.81 -9.66
C MET C 73 25.77 -1.70 -10.14
N ARG C 74 26.85 -2.04 -10.84
CA ARG C 74 27.74 -1.05 -11.41
C ARG C 74 26.99 -0.19 -12.44
N THR C 75 26.25 -0.83 -13.33
CA THR C 75 25.54 -0.17 -14.42
C THR C 75 24.27 0.58 -13.97
N GLY C 76 23.56 0.06 -12.97
CA GLY C 76 22.30 0.69 -12.55
C GLY C 76 22.52 2.06 -11.92
N GLU C 77 21.62 2.98 -12.23
CA GLU C 77 21.65 4.31 -11.64
C GLU C 77 20.79 4.42 -10.38
N GLY C 78 19.74 3.62 -10.30
CA GLY C 78 18.89 3.63 -9.12
C GLY C 78 18.28 2.26 -8.95
N PHE C 79 17.91 1.94 -7.71
CA PHE C 79 17.52 0.58 -7.34
C PHE C 79 16.21 0.59 -6.57
N LEU C 80 15.27 -0.26 -6.99
CA LEU C 80 14.10 -0.55 -6.16
C LEU C 80 14.46 -1.75 -5.31
N LEU C 81 14.35 -1.58 -4.01
CA LEU C 81 14.64 -2.65 -3.05
C LEU C 81 13.28 -3.20 -2.65
N VAL C 82 12.90 -4.36 -3.17
CA VAL C 82 11.54 -4.85 -3.02
C VAL C 82 11.49 -5.97 -2.00
N PHE C 83 10.54 -5.87 -1.05
CA PHE C 83 10.19 -7.00 -0.19
C PHE C 83 8.69 -7.19 -0.29
N ALA C 84 8.18 -8.30 0.23
CA ALA C 84 6.74 -8.50 0.29
C ALA C 84 6.28 -8.35 1.73
N ILE C 85 5.19 -7.61 1.94
CA ILE C 85 4.72 -7.31 3.30
C ILE C 85 4.23 -8.52 4.09
N ASN C 86 4.04 -9.67 3.44
CA ASN C 86 3.64 -10.90 4.10
C ASN C 86 4.79 -11.91 4.16
N ASN C 87 6.02 -11.47 3.95
CA ASN C 87 7.17 -12.37 3.88
C ASN C 87 8.26 -11.70 4.72
N THR C 88 8.33 -12.08 6.00
CA THR C 88 9.29 -11.43 6.90
C THR C 88 10.72 -11.68 6.44
N LYS C 89 11.02 -12.88 5.95
CA LYS C 89 12.38 -13.15 5.49
C LYS C 89 12.77 -12.19 4.39
N SER C 90 11.85 -11.89 3.46
CA SER C 90 12.20 -10.97 2.39
C SER C 90 12.55 -9.58 2.92
N PHE C 91 11.96 -9.16 4.04
CA PHE C 91 12.32 -7.87 4.61
C PHE C 91 13.67 -7.93 5.30
N GLU C 92 13.97 -9.03 5.99
CA GLU C 92 15.26 -9.19 6.64
C GLU C 92 16.39 -9.24 5.61
N ASP C 93 16.06 -9.65 4.39
CA ASP C 93 17.03 -9.71 3.29
C ASP C 93 17.40 -8.33 2.75
N ILE C 94 16.59 -7.32 3.03
CA ILE C 94 16.75 -6.01 2.38
C ILE C 94 18.14 -5.43 2.65
N HIS C 95 18.57 -5.47 3.90
CA HIS C 95 19.83 -4.83 4.23
C HIS C 95 20.99 -5.45 3.46
N HIS C 96 20.91 -6.74 3.12
CA HIS C 96 21.99 -7.35 2.35
C HIS C 96 22.02 -6.84 0.91
N TYR C 97 20.86 -6.63 0.29
CA TYR C 97 20.85 -6.02 -1.04
C TYR C 97 21.42 -4.61 -1.00
N ARG C 98 21.02 -3.81 -0.01
CA ARG C 98 21.60 -2.48 0.11
C ARG C 98 23.11 -2.54 0.31
N GLU C 99 23.59 -3.46 1.16
CA GLU C 99 25.04 -3.51 1.42
C GLU C 99 25.80 -3.89 0.15
N GLN C 100 25.25 -4.82 -0.63
CA GLN C 100 25.87 -5.19 -1.91
C GLN C 100 25.98 -3.97 -2.83
N ILE C 101 24.95 -3.15 -2.89
CA ILE C 101 24.97 -2.01 -3.80
C ILE C 101 26.01 -0.99 -3.34
N LYS C 102 26.05 -0.73 -2.03
CA LYS C 102 27.07 0.18 -1.49
C LYS C 102 28.48 -0.35 -1.75
N ARG C 103 28.67 -1.67 -1.63
CA ARG C 103 30.00 -2.26 -1.82
C ARG C 103 30.44 -2.13 -3.26
N VAL C 104 29.54 -2.44 -4.18
CA VAL C 104 29.88 -2.46 -5.60
C VAL C 104 30.06 -1.05 -6.13
N LYS C 105 29.16 -0.14 -5.76
CA LYS C 105 29.30 1.26 -6.15
C LYS C 105 30.21 2.06 -5.23
N ASP C 106 30.73 1.46 -4.15
CA ASP C 106 31.67 2.12 -3.24
C ASP C 106 31.15 3.48 -2.78
N SER C 107 29.93 3.48 -2.24
CA SER C 107 29.30 4.73 -1.85
C SER C 107 28.17 4.45 -0.87
N GLU C 108 27.98 5.41 0.04
CA GLU C 108 26.86 5.42 0.97
C GLU C 108 25.65 6.17 0.43
N ASP C 109 25.76 6.81 -0.73
CA ASP C 109 24.71 7.67 -1.27
C ASP C 109 24.38 7.18 -2.69
N VAL C 110 23.61 6.11 -2.78
CA VAL C 110 23.16 5.55 -4.06
C VAL C 110 21.65 5.71 -4.12
N PRO C 111 21.08 6.19 -5.24
CA PRO C 111 19.61 6.31 -5.32
C PRO C 111 18.92 4.97 -5.17
N MET C 112 18.02 4.88 -4.18
CA MET C 112 17.23 3.69 -3.94
C MET C 112 15.89 4.08 -3.33
N VAL C 113 14.92 3.20 -3.51
CA VAL C 113 13.60 3.33 -2.90
C VAL C 113 13.25 1.98 -2.32
N LEU C 114 12.77 1.96 -1.06
CA LEU C 114 12.31 0.73 -0.42
C LEU C 114 10.84 0.52 -0.80
N VAL C 115 10.52 -0.66 -1.32
CA VAL C 115 9.18 -0.98 -1.78
C VAL C 115 8.67 -2.20 -1.00
N GLY C 116 7.56 -2.02 -0.28
CA GLY C 116 6.87 -3.13 0.35
C GLY C 116 5.70 -3.52 -0.49
N ASN C 117 5.81 -4.62 -1.23
CA ASN C 117 4.82 -5.02 -2.19
C ASN C 117 3.81 -5.99 -1.57
N LYS C 118 2.74 -6.25 -2.32
CA LYS C 118 1.60 -7.10 -1.95
C LYS C 118 0.70 -6.47 -0.89
N SER C 119 0.54 -5.15 -0.98
CA SER C 119 -0.29 -4.42 0.00
C SER C 119 -1.76 -4.82 -0.03
N ASP C 120 -2.18 -5.56 -1.04
CA ASP C 120 -3.60 -5.99 -1.18
C ASP C 120 -3.88 -7.23 -0.34
N LEU C 121 -2.87 -7.86 0.24
CA LEU C 121 -3.08 -9.15 0.94
C LEU C 121 -3.60 -8.92 2.37
N PRO C 122 -4.00 -9.99 3.09
CA PRO C 122 -4.38 -9.87 4.50
C PRO C 122 -3.32 -10.02 5.59
N SER C 123 -2.50 -11.10 5.59
CA SER C 123 -1.61 -11.47 6.72
C SER C 123 -0.31 -10.68 6.69
N ARG C 124 -0.45 -9.37 6.64
CA ARG C 124 0.78 -8.62 6.79
C ARG C 124 1.57 -9.21 7.94
N THR C 125 2.86 -9.43 7.72
CA THR C 125 3.78 -9.76 8.77
C THR C 125 4.83 -8.70 9.01
N VAL C 126 4.99 -7.76 8.07
CA VAL C 126 5.93 -6.66 8.22
C VAL C 126 5.14 -5.37 8.41
N ASP C 127 5.29 -4.74 9.58
CA ASP C 127 4.54 -3.52 9.87
C ASP C 127 5.06 -2.37 9.02
N THR C 128 4.15 -1.49 8.60
CA THR C 128 4.56 -0.26 7.89
C THR C 128 5.58 0.53 8.72
N LYS C 129 5.33 0.64 10.03
CA LYS C 129 6.25 1.39 10.88
C LYS C 129 7.67 0.82 10.80
N GLN C 130 7.79 -0.51 10.84
CA GLN C 130 9.12 -1.11 10.83
C GLN C 130 9.84 -0.82 9.53
N ALA C 131 9.13 -0.91 8.42
CA ALA C 131 9.75 -0.63 7.12
C ALA C 131 10.02 0.85 6.95
N GLN C 132 9.12 1.70 7.44
CA GLN C 132 9.33 3.14 7.33
C GLN C 132 10.53 3.57 8.17
N ASP C 133 10.66 3.00 9.37
CA ASP C 133 11.81 3.26 10.24
C ASP C 133 13.11 2.88 9.54
N LEU C 134 13.15 1.72 8.88
CA LEU C 134 14.35 1.32 8.14
C LEU C 134 14.67 2.32 7.04
N ALA C 135 13.68 2.68 6.21
CA ALA C 135 13.94 3.62 5.14
C ALA C 135 14.40 4.97 5.69
N ARG C 136 13.79 5.42 6.77
CA ARG C 136 14.23 6.68 7.35
C ARG C 136 15.69 6.59 7.79
N SER C 137 16.10 5.42 8.31
CA SER C 137 17.48 5.27 8.78
C SER C 137 18.47 5.25 7.62
N TYR C 138 18.04 4.80 6.46
CA TYR C 138 18.86 4.81 5.25
C TYR C 138 18.79 6.14 4.51
N GLY C 139 17.88 7.01 4.90
CA GLY C 139 17.60 8.26 4.21
C GLY C 139 17.02 8.10 2.83
N ILE C 140 16.11 7.14 2.64
CA ILE C 140 15.52 6.87 1.33
C ILE C 140 14.00 6.83 1.43
N PRO C 141 13.30 7.03 0.32
CA PRO C 141 11.83 6.92 0.34
C PRO C 141 11.39 5.48 0.57
N PHE C 142 10.17 5.34 1.12
CA PHE C 142 9.50 4.06 1.27
C PHE C 142 8.08 4.17 0.72
N ILE C 143 7.68 3.16 -0.05
CA ILE C 143 6.35 3.09 -0.66
CA ILE C 143 6.33 3.10 -0.60
C ILE C 143 5.82 1.67 -0.53
N GLU C 144 4.55 1.53 -0.12
CA GLU C 144 3.85 0.25 -0.18
C GLU C 144 3.07 0.18 -1.49
N THR C 145 3.18 -0.96 -2.18
CA THR C 145 2.63 -1.15 -3.52
C THR C 145 1.81 -2.43 -3.55
N SER C 146 0.93 -2.50 -4.54
CA SER C 146 0.32 -3.75 -4.99
C SER C 146 0.44 -3.84 -6.51
N ALA C 147 1.25 -4.77 -6.98
CA ALA C 147 1.23 -5.05 -8.41
C ALA C 147 -0.14 -5.55 -8.84
N LYS C 148 -0.87 -6.20 -7.93
CA LYS C 148 -2.15 -6.77 -8.29
C LYS C 148 -3.17 -5.68 -8.58
N THR C 149 -3.25 -4.67 -7.72
CA THR C 149 -4.26 -3.61 -7.91
C THR C 149 -3.69 -2.38 -8.58
N ARG C 150 -2.39 -2.31 -8.76
CA ARG C 150 -1.61 -1.21 -9.32
C ARG C 150 -1.36 -0.06 -8.32
N GLN C 151 -1.87 -0.15 -7.11
CA GLN C 151 -1.62 0.88 -6.10
C GLN C 151 -0.12 1.12 -5.92
N GLY C 152 0.30 2.35 -6.15
CA GLY C 152 1.68 2.74 -5.87
C GLY C 152 2.71 2.37 -6.92
N VAL C 153 2.31 1.71 -8.01
CA VAL C 153 3.30 1.19 -8.95
C VAL C 153 4.01 2.32 -9.68
N ASP C 154 3.25 3.20 -10.34
CA ASP C 154 3.87 4.35 -10.96
C ASP C 154 4.65 5.16 -9.94
N ASP C 155 4.09 5.34 -8.75
N ASP C 155 4.08 5.36 -8.74
CA ASP C 155 4.75 6.16 -7.74
CA ASP C 155 4.74 6.17 -7.71
C ASP C 155 6.11 5.59 -7.34
C ASP C 155 6.12 5.59 -7.37
N ALA C 156 6.22 4.27 -7.23
CA ALA C 156 7.51 3.68 -6.84
C ALA C 156 8.59 3.97 -7.88
N PHE C 157 8.27 3.73 -9.15
CA PHE C 157 9.27 3.97 -10.19
C PHE C 157 9.55 5.45 -10.36
N TYR C 158 8.52 6.29 -10.31
CA TYR C 158 8.73 7.71 -10.52
C TYR C 158 9.49 8.33 -9.34
N THR C 159 9.23 7.84 -8.12
CA THR C 159 10.01 8.32 -6.98
C THR C 159 11.48 7.96 -7.16
N LEU C 160 11.76 6.77 -7.71
CA LEU C 160 13.16 6.40 -7.93
C LEU C 160 13.82 7.33 -8.94
N VAL C 161 13.11 7.68 -10.01
CA VAL C 161 13.64 8.66 -10.97
C VAL C 161 13.91 9.98 -10.28
N ARG C 162 12.99 10.46 -9.43
CA ARG C 162 13.20 11.70 -8.69
C ARG C 162 14.41 11.62 -7.76
N GLU C 163 14.66 10.46 -7.16
CA GLU C 163 15.87 10.26 -6.35
C GLU C 163 17.13 10.33 -7.20
N ILE C 164 17.13 9.70 -8.38
CA ILE C 164 18.27 9.84 -9.28
C ILE C 164 18.50 11.30 -9.67
N ARG C 165 17.42 11.99 -10.04
CA ARG C 165 17.51 13.38 -10.49
C ARG C 165 18.16 14.25 -9.43
N LYS C 166 17.70 14.13 -8.18
CA LYS C 166 18.31 14.85 -7.06
C LYS C 166 19.80 14.57 -7.01
N HIS C 167 20.15 13.29 -7.09
CA HIS C 167 21.54 12.89 -6.93
C HIS C 167 22.43 13.49 -8.00
N LYS C 168 21.95 13.57 -9.24
CA LYS C 168 22.79 14.02 -10.33
C LYS C 168 22.96 15.54 -10.35
N GLU C 169 21.93 16.27 -9.92
CA GLU C 169 21.97 17.72 -10.10
C GLU C 169 22.22 18.47 -8.81
N LYS C 170 22.61 17.77 -7.74
CA LYS C 170 22.94 18.43 -6.48
C LYS C 170 24.25 19.22 -6.63
N SER D 1 22.34 -57.58 -20.50
CA SER D 1 21.90 -56.33 -19.91
C SER D 1 23.12 -55.52 -19.50
N MET D 2 22.91 -54.22 -19.26
CA MET D 2 23.99 -53.33 -18.84
C MET D 2 23.66 -52.76 -17.47
N VAL D 3 24.70 -52.50 -16.67
CA VAL D 3 24.49 -51.80 -15.41
C VAL D 3 23.84 -50.45 -15.68
N ASN D 4 24.42 -49.68 -16.59
CA ASN D 4 23.91 -48.35 -16.88
C ASN D 4 22.89 -48.43 -18.02
N PRO D 5 21.61 -48.17 -17.76
CA PRO D 5 20.59 -48.21 -18.82
C PRO D 5 20.76 -47.06 -19.80
N THR D 6 20.20 -47.24 -21.00
CA THR D 6 20.17 -46.21 -22.03
C THR D 6 18.72 -45.83 -22.28
N VAL D 7 18.43 -44.54 -22.30
CA VAL D 7 17.10 -44.07 -22.65
C VAL D 7 17.21 -43.09 -23.81
N PHE D 8 16.09 -42.85 -24.48
CA PHE D 8 16.07 -41.94 -25.62
C PHE D 8 14.97 -40.92 -25.47
N PHE D 9 15.21 -39.74 -26.02
CA PHE D 9 14.18 -38.75 -26.31
C PHE D 9 14.14 -38.54 -27.81
N ASP D 10 12.93 -38.55 -28.38
CA ASP D 10 12.73 -38.05 -29.74
C ASP D 10 12.25 -36.60 -29.62
N ILE D 11 13.06 -35.66 -30.06
CA ILE D 11 12.80 -34.24 -29.86
C ILE D 11 12.03 -33.70 -31.05
N ALA D 12 11.08 -32.80 -30.79
CA ALA D 12 10.28 -32.20 -31.84
C ALA D 12 10.31 -30.68 -31.71
N VAL D 13 10.19 -30.00 -32.85
CA VAL D 13 10.13 -28.54 -32.92
C VAL D 13 8.78 -28.20 -33.55
N ASP D 14 7.90 -27.56 -32.77
CA ASP D 14 6.50 -27.37 -33.15
C ASP D 14 5.86 -28.64 -33.71
N GLY D 15 6.08 -29.76 -33.02
CA GLY D 15 5.53 -31.03 -33.39
C GLY D 15 6.29 -31.77 -34.47
N GLU D 16 7.27 -31.14 -35.14
CA GLU D 16 7.93 -31.87 -36.21
C GLU D 16 9.22 -32.49 -35.73
N PRO D 17 9.58 -33.67 -36.25
CA PRO D 17 10.73 -34.41 -35.73
C PRO D 17 12.02 -33.66 -35.98
N LEU D 18 12.79 -33.45 -34.91
CA LEU D 18 14.14 -32.90 -35.02
C LEU D 18 15.19 -34.00 -35.04
N GLY D 19 15.11 -34.94 -34.12
CA GLY D 19 16.08 -36.03 -34.04
C GLY D 19 16.02 -36.67 -32.68
N ARG D 20 16.80 -37.74 -32.54
CA ARG D 20 16.83 -38.53 -31.31
C ARG D 20 18.09 -38.21 -30.50
N VAL D 21 17.91 -38.08 -29.18
CA VAL D 21 19.02 -37.96 -28.24
C VAL D 21 18.94 -39.18 -27.32
N SER D 22 20.04 -39.91 -27.18
CA SER D 22 20.09 -41.02 -26.26
C SER D 22 21.04 -40.68 -25.11
N PHE D 23 20.77 -41.25 -23.93
CA PHE D 23 21.53 -40.95 -22.72
C PHE D 23 21.94 -42.25 -22.06
N GLU D 24 23.18 -42.30 -21.58
CA GLU D 24 23.59 -43.32 -20.62
C GLU D 24 23.30 -42.81 -19.23
N LEU D 25 22.63 -43.63 -18.43
CA LEU D 25 22.26 -43.25 -17.06
C LEU D 25 23.19 -43.99 -16.11
N PHE D 26 23.82 -43.26 -15.21
CA PHE D 26 24.90 -43.83 -14.39
C PHE D 26 24.32 -44.54 -13.16
N ALA D 27 23.59 -45.61 -13.42
CA ALA D 27 23.03 -46.39 -12.31
C ALA D 27 24.11 -47.01 -11.44
N ASP D 28 25.34 -47.11 -11.94
CA ASP D 28 26.41 -47.64 -11.10
C ASP D 28 26.84 -46.67 -10.01
N LYS D 29 26.60 -45.38 -10.19
CA LYS D 29 27.02 -44.35 -9.26
C LYS D 29 25.85 -43.71 -8.51
N VAL D 30 24.74 -43.49 -9.19
CA VAL D 30 23.56 -42.86 -8.59
C VAL D 30 22.34 -43.69 -8.97
N PRO D 31 22.15 -44.87 -8.38
CA PRO D 31 21.04 -45.74 -8.83
C PRO D 31 19.66 -45.14 -8.62
N LYS D 32 19.42 -44.45 -7.50
CA LYS D 32 18.10 -43.90 -7.24
C LYS D 32 17.75 -42.80 -8.23
N THR D 33 18.72 -41.94 -8.55
CA THR D 33 18.47 -40.85 -9.48
C THR D 33 18.35 -41.37 -10.90
N ALA D 34 19.20 -42.32 -11.29
CA ALA D 34 19.09 -42.92 -12.62
C ALA D 34 17.75 -43.62 -12.82
N GLU D 35 17.29 -44.38 -11.81
CA GLU D 35 16.02 -45.11 -11.93
C GLU D 35 14.84 -44.16 -12.09
N ASN D 36 14.86 -43.04 -11.36
CA ASN D 36 13.80 -42.03 -11.51
C ASN D 36 13.73 -41.55 -12.96
N PHE D 37 14.88 -41.14 -13.53
CA PHE D 37 14.87 -40.68 -14.91
C PHE D 37 14.46 -41.79 -15.87
N ARG D 38 14.93 -43.01 -15.65
CA ARG D 38 14.59 -44.11 -16.55
C ARG D 38 13.08 -44.36 -16.56
N ALA D 39 12.48 -44.46 -15.37
CA ALA D 39 11.05 -44.70 -15.24
C ALA D 39 10.23 -43.55 -15.80
N LEU D 40 10.65 -42.31 -15.58
CA LEU D 40 9.91 -41.18 -16.17
C LEU D 40 10.01 -41.18 -17.69
N SER D 41 11.10 -41.75 -18.23
CA SER D 41 11.28 -41.82 -19.68
C SER D 41 10.44 -42.93 -20.30
N THR D 42 10.24 -44.04 -19.58
CA THR D 42 9.36 -45.07 -20.11
C THR D 42 7.88 -44.74 -19.86
N GLY D 43 7.60 -43.94 -18.83
CA GLY D 43 6.22 -43.68 -18.45
C GLY D 43 5.55 -44.81 -17.69
N GLU D 44 6.31 -45.78 -17.17
CA GLU D 44 5.71 -47.00 -16.63
C GLU D 44 4.90 -46.74 -15.36
N LYS D 45 5.13 -45.63 -14.68
CA LYS D 45 4.38 -45.25 -13.49
C LYS D 45 3.06 -44.54 -13.81
N GLY D 46 2.76 -44.30 -15.08
CA GLY D 46 1.55 -43.58 -15.46
C GLY D 46 1.73 -42.10 -15.69
N PHE D 47 2.96 -41.60 -15.61
CA PHE D 47 3.27 -40.21 -15.85
C PHE D 47 4.75 -40.16 -16.22
N GLY D 48 5.13 -39.09 -16.93
CA GLY D 48 6.54 -38.93 -17.23
C GLY D 48 6.74 -37.84 -18.26
N TYR D 49 7.88 -37.93 -18.93
CA TYR D 49 8.37 -36.82 -19.75
C TYR D 49 7.67 -36.70 -21.08
N LYS D 50 7.02 -37.75 -21.57
CA LYS D 50 6.50 -37.71 -22.94
C LYS D 50 5.46 -36.61 -23.07
N GLY D 51 5.69 -35.70 -24.03
CA GLY D 51 4.86 -34.54 -24.27
C GLY D 51 5.38 -33.26 -23.66
N SER D 52 6.25 -33.35 -22.66
CA SER D 52 6.73 -32.17 -21.99
C SER D 52 7.75 -31.42 -22.83
N CYS D 53 8.05 -30.21 -22.41
CA CYS D 53 8.90 -29.35 -23.23
C CYS D 53 10.20 -29.02 -22.53
N PHE D 54 11.15 -28.54 -23.32
CA PHE D 54 12.34 -27.91 -22.79
C PHE D 54 12.00 -26.43 -22.62
N HIS D 55 11.69 -26.05 -21.38
CA HIS D 55 11.17 -24.71 -21.13
C HIS D 55 12.25 -23.65 -21.05
N ARG D 56 13.51 -24.04 -20.81
CA ARG D 56 14.57 -23.06 -20.59
C ARG D 56 15.79 -23.54 -21.34
N ILE D 57 16.14 -22.88 -22.42
CA ILE D 57 17.30 -23.19 -23.25
C ILE D 57 18.17 -21.95 -23.33
N ILE D 58 19.36 -22.02 -22.73
CA ILE D 58 20.24 -20.84 -22.69
C ILE D 58 21.53 -21.18 -23.44
N PRO D 59 21.73 -20.62 -24.63
CA PRO D 59 22.91 -20.98 -25.43
C PRO D 59 24.20 -20.74 -24.68
N GLY D 60 25.09 -21.73 -24.78
CA GLY D 60 26.34 -21.73 -24.06
C GLY D 60 26.27 -22.32 -22.69
N PHE D 61 25.07 -22.71 -22.23
CA PHE D 61 24.96 -23.25 -20.88
C PHE D 61 24.23 -24.60 -20.85
N MET D 62 22.93 -24.61 -21.08
CA MET D 62 22.19 -25.86 -20.90
C MET D 62 20.83 -25.78 -21.56
N CYS D 63 20.24 -26.95 -21.73
CA CYS D 63 18.83 -27.14 -22.06
C CYS D 63 18.14 -27.80 -20.86
N GLN D 64 17.10 -27.16 -20.33
CA GLN D 64 16.41 -27.64 -19.14
C GLN D 64 14.97 -28.00 -19.47
N GLY D 65 14.51 -29.13 -18.94
CA GLY D 65 13.17 -29.62 -19.16
C GLY D 65 12.62 -30.37 -17.96
N GLY D 66 11.51 -31.07 -18.16
CA GLY D 66 11.05 -32.03 -17.18
C GLY D 66 9.81 -31.66 -16.40
N ASP D 67 9.19 -30.50 -16.66
CA ASP D 67 7.96 -30.11 -15.94
C ASP D 67 6.76 -30.66 -16.68
N PHE D 68 6.31 -31.84 -16.26
CA PHE D 68 5.13 -32.42 -16.85
C PHE D 68 3.90 -32.27 -15.98
N THR D 69 3.98 -31.52 -14.87
CA THR D 69 2.85 -31.41 -13.96
C THR D 69 2.19 -30.04 -13.97
N ARG D 70 2.98 -28.97 -14.07
CA ARG D 70 2.42 -27.63 -14.16
C ARG D 70 2.55 -27.02 -15.55
N HIS D 71 3.43 -27.56 -16.40
CA HIS D 71 3.60 -27.08 -17.76
C HIS D 71 4.01 -25.62 -17.80
N ASN D 72 4.73 -25.16 -16.77
CA ASN D 72 5.10 -23.74 -16.73
C ASN D 72 6.52 -23.53 -16.22
N GLY D 73 7.32 -24.60 -16.17
CA GLY D 73 8.71 -24.55 -15.72
C GLY D 73 8.90 -24.60 -14.22
N THR D 74 7.83 -24.67 -13.43
CA THR D 74 7.94 -24.64 -11.98
C THR D 74 7.60 -25.98 -11.35
N GLY D 75 7.13 -26.94 -12.14
CA GLY D 75 6.60 -28.15 -11.57
C GLY D 75 7.48 -29.36 -11.78
N GLY D 76 6.89 -30.55 -11.80
CA GLY D 76 7.67 -31.76 -11.82
C GLY D 76 7.46 -32.61 -10.59
N LYS D 77 7.67 -33.91 -10.76
CA LYS D 77 7.51 -34.84 -9.66
C LYS D 77 8.32 -36.09 -9.97
N SER D 78 8.85 -36.70 -8.92
CA SER D 78 9.63 -37.93 -9.06
C SER D 78 8.71 -39.16 -9.03
N ILE D 79 9.31 -40.35 -9.17
CA ILE D 79 8.56 -41.59 -9.00
C ILE D 79 8.45 -42.01 -7.54
N TYR D 80 9.04 -41.24 -6.63
CA TYR D 80 9.11 -41.65 -5.23
C TYR D 80 8.02 -41.00 -4.40
N GLY D 81 6.94 -40.55 -5.04
CA GLY D 81 5.81 -39.95 -4.34
C GLY D 81 6.12 -38.66 -3.64
N GLU D 82 7.33 -38.14 -3.80
CA GLU D 82 7.76 -36.91 -3.13
C GLU D 82 9.06 -36.50 -3.80
N LYS D 83 9.49 -35.27 -3.50
CA LYS D 83 10.83 -34.85 -3.87
C LYS D 83 11.83 -35.72 -3.13
N PHE D 84 13.01 -35.93 -3.72
CA PHE D 84 13.94 -36.87 -3.11
C PHE D 84 15.32 -36.26 -2.86
N GLU D 85 16.05 -36.92 -1.96
CA GLU D 85 17.34 -36.45 -1.48
C GLU D 85 18.38 -36.42 -2.60
N ASP D 86 19.34 -35.49 -2.48
CA ASP D 86 20.56 -35.55 -3.28
C ASP D 86 21.33 -36.83 -2.93
N GLU D 87 21.41 -37.75 -3.91
CA GLU D 87 21.95 -39.08 -3.66
C GLU D 87 23.42 -39.01 -3.32
N ASN D 88 24.20 -38.36 -4.17
CA ASN D 88 25.60 -38.08 -3.92
C ASN D 88 26.02 -37.04 -4.95
N PHE D 89 27.22 -36.51 -4.78
CA PHE D 89 27.82 -35.63 -5.77
C PHE D 89 29.12 -36.20 -6.31
N ILE D 90 29.18 -37.53 -6.49
CA ILE D 90 30.42 -38.16 -6.98
C ILE D 90 30.76 -37.62 -8.36
N LEU D 91 29.77 -37.50 -9.23
CA LEU D 91 30.02 -37.09 -10.62
C LEU D 91 29.92 -35.58 -10.76
N LYS D 92 30.73 -35.03 -11.65
CA LYS D 92 30.86 -33.59 -11.83
C LYS D 92 30.41 -33.17 -13.22
N HIS D 93 30.19 -31.85 -13.35
CA HIS D 93 29.69 -31.25 -14.59
C HIS D 93 30.90 -30.96 -15.44
N THR D 94 31.39 -31.97 -16.17
CA THR D 94 32.71 -31.93 -16.78
C THR D 94 32.73 -31.41 -18.21
N GLY D 95 31.57 -31.26 -18.84
CA GLY D 95 31.55 -30.79 -20.21
C GLY D 95 30.20 -30.97 -20.88
N PRO D 96 30.14 -30.71 -22.19
CA PRO D 96 28.88 -30.89 -22.92
C PRO D 96 28.36 -32.31 -22.81
N GLY D 97 27.04 -32.43 -22.76
CA GLY D 97 26.37 -33.71 -22.73
C GLY D 97 26.02 -34.23 -21.36
N ILE D 98 26.61 -33.64 -20.31
CA ILE D 98 26.29 -34.08 -18.94
C ILE D 98 24.81 -33.86 -18.64
N LEU D 99 24.18 -34.87 -18.05
CA LEU D 99 22.79 -34.83 -17.65
C LEU D 99 22.72 -34.78 -16.12
N SER D 100 22.03 -33.77 -15.59
CA SER D 100 22.06 -33.46 -14.18
C SER D 100 20.68 -33.02 -13.72
N MET D 101 20.42 -33.13 -12.42
CA MET D 101 19.10 -32.78 -11.90
C MET D 101 18.99 -31.28 -11.60
N ALA D 102 17.92 -30.65 -12.08
CA ALA D 102 17.60 -29.31 -11.62
C ALA D 102 16.91 -29.42 -10.26
N ASN D 103 16.95 -28.34 -9.49
CA ASN D 103 16.36 -28.43 -8.16
C ASN D 103 16.11 -27.01 -7.64
N ALA D 104 15.50 -26.95 -6.45
CA ALA D 104 15.17 -25.71 -5.75
C ALA D 104 15.96 -25.58 -4.44
N GLY D 105 17.17 -26.10 -4.40
CA GLY D 105 17.93 -26.17 -3.17
C GLY D 105 18.22 -27.59 -2.78
N PRO D 106 19.00 -27.79 -1.71
CA PRO D 106 19.35 -29.14 -1.28
C PRO D 106 18.14 -30.05 -1.14
N ASN D 107 18.29 -31.28 -1.63
CA ASN D 107 17.33 -32.36 -1.40
C ASN D 107 15.92 -32.00 -1.89
N THR D 108 15.83 -31.49 -3.10
CA THR D 108 14.55 -31.16 -3.71
C THR D 108 14.43 -31.74 -5.12
N ASN D 109 14.99 -32.92 -5.37
CA ASN D 109 14.94 -33.52 -6.70
C ASN D 109 13.53 -34.00 -7.04
N GLY D 110 13.07 -33.68 -8.23
CA GLY D 110 11.75 -34.13 -8.65
C GLY D 110 11.88 -34.79 -10.00
N SER D 111 11.51 -34.07 -11.06
CA SER D 111 11.74 -34.56 -12.41
C SER D 111 12.53 -33.59 -13.30
N GLN D 112 12.67 -32.33 -12.93
CA GLN D 112 13.34 -31.43 -13.85
C GLN D 112 14.83 -31.78 -13.95
N PHE D 113 15.37 -31.63 -15.15
CA PHE D 113 16.74 -32.03 -15.47
C PHE D 113 17.32 -31.01 -16.43
N PHE D 114 18.65 -31.06 -16.60
CA PHE D 114 19.26 -30.21 -17.61
C PHE D 114 20.36 -30.98 -18.31
N ILE D 115 20.55 -30.65 -19.59
CA ILE D 115 21.64 -31.17 -20.40
C ILE D 115 22.62 -30.04 -20.62
N CYS D 116 23.85 -30.20 -20.14
CA CYS D 116 24.88 -29.18 -20.32
C CYS D 116 25.31 -29.11 -21.77
N THR D 117 25.49 -27.90 -22.27
CA THR D 117 26.14 -27.70 -23.56
C THR D 117 27.55 -27.17 -23.43
N ALA D 118 28.04 -27.04 -22.21
CA ALA D 118 29.39 -26.60 -21.89
C ALA D 118 29.73 -27.16 -20.52
N LYS D 119 30.99 -27.08 -20.16
CA LYS D 119 31.37 -27.38 -18.78
C LYS D 119 30.73 -26.36 -17.84
N THR D 120 30.07 -26.85 -16.78
CA THR D 120 29.38 -25.98 -15.81
C THR D 120 29.82 -26.35 -14.39
N GLU D 121 31.13 -26.22 -14.15
CA GLU D 121 31.71 -26.76 -12.94
C GLU D 121 31.24 -26.03 -11.67
N TRP D 122 30.76 -24.79 -11.79
CA TRP D 122 30.24 -24.09 -10.64
C TRP D 122 29.00 -24.75 -10.07
N LEU D 123 28.37 -25.67 -10.82
CA LEU D 123 27.21 -26.40 -10.33
C LEU D 123 27.58 -27.65 -9.56
N ASP D 124 28.87 -28.00 -9.51
CA ASP D 124 29.30 -29.21 -8.83
C ASP D 124 28.93 -29.09 -7.35
N GLY D 125 28.46 -30.19 -6.76
CA GLY D 125 28.06 -30.20 -5.37
C GLY D 125 26.72 -29.57 -5.09
N LYS D 126 26.06 -29.00 -6.10
CA LYS D 126 24.73 -28.44 -5.95
C LYS D 126 23.67 -29.16 -6.78
N HIS D 127 24.07 -29.87 -7.84
CA HIS D 127 23.16 -30.61 -8.70
C HIS D 127 23.73 -32.00 -8.89
N VAL D 128 22.88 -33.02 -8.78
CA VAL D 128 23.30 -34.40 -8.92
C VAL D 128 23.43 -34.77 -10.39
N VAL D 129 24.68 -35.05 -10.81
CA VAL D 129 24.94 -35.56 -12.16
C VAL D 129 24.62 -37.04 -12.19
N PHE D 130 23.87 -37.48 -13.21
CA PHE D 130 23.47 -38.87 -13.24
C PHE D 130 23.48 -39.50 -14.62
N GLY D 131 23.91 -38.78 -15.65
CA GLY D 131 23.99 -39.41 -16.95
C GLY D 131 24.72 -38.53 -17.95
N LYS D 132 24.72 -38.98 -19.20
CA LYS D 132 25.39 -38.21 -20.23
C LYS D 132 24.85 -38.62 -21.59
N VAL D 133 24.75 -37.64 -22.50
CA VAL D 133 24.37 -37.92 -23.88
C VAL D 133 25.32 -38.95 -24.49
N LYS D 134 24.73 -39.95 -25.11
CA LYS D 134 25.45 -40.98 -25.84
C LYS D 134 25.39 -40.60 -27.32
N GLU D 135 24.22 -40.71 -27.96
CA GLU D 135 24.06 -40.32 -29.35
C GLU D 135 23.23 -39.04 -29.40
N GLY D 136 23.45 -38.25 -30.46
CA GLY D 136 22.60 -37.13 -30.74
C GLY D 136 23.02 -35.82 -30.12
N MET D 137 24.29 -35.66 -29.77
CA MET D 137 24.71 -34.36 -29.29
C MET D 137 24.48 -33.28 -30.33
N ASN D 138 24.55 -33.64 -31.63
CA ASN D 138 24.22 -32.65 -32.66
C ASN D 138 22.77 -32.19 -32.56
N ILE D 139 21.88 -33.06 -32.10
CA ILE D 139 20.48 -32.65 -31.92
C ILE D 139 20.34 -31.69 -30.74
N VAL D 140 21.09 -31.94 -29.65
CA VAL D 140 21.10 -30.97 -28.55
C VAL D 140 21.65 -29.64 -29.03
N GLU D 141 22.71 -29.66 -29.85
CA GLU D 141 23.24 -28.40 -30.37
C GLU D 141 22.20 -27.68 -31.25
N ALA D 142 21.39 -28.46 -31.98
CA ALA D 142 20.32 -27.86 -32.79
C ALA D 142 19.25 -27.21 -31.91
N MET D 143 18.90 -27.85 -30.79
CA MET D 143 17.91 -27.29 -29.88
C MET D 143 18.39 -25.98 -29.29
N GLU D 144 19.70 -25.89 -29.01
CA GLU D 144 20.27 -24.72 -28.38
C GLU D 144 20.02 -23.46 -29.20
N ARG D 145 19.90 -23.57 -30.52
CA ARG D 145 19.68 -22.39 -31.34
C ARG D 145 18.27 -21.82 -31.22
N PHE D 146 17.33 -22.55 -30.63
CA PHE D 146 16.00 -22.02 -30.37
C PHE D 146 15.90 -21.28 -29.04
N GLY D 147 16.97 -21.23 -28.27
CA GLY D 147 16.96 -20.58 -26.97
C GLY D 147 17.35 -19.12 -27.04
N SER D 148 17.54 -18.54 -25.85
CA SER D 148 17.85 -17.11 -25.74
C SER D 148 18.49 -16.86 -24.39
N ARG D 149 18.89 -15.61 -24.17
CA ARG D 149 19.58 -15.21 -22.94
C ARG D 149 18.78 -15.56 -21.68
N ASN D 150 17.46 -15.38 -21.71
CA ASN D 150 16.64 -15.69 -20.55
C ASN D 150 16.04 -17.09 -20.61
N GLY D 151 16.44 -17.89 -21.60
CA GLY D 151 15.95 -19.25 -21.74
C GLY D 151 14.66 -19.43 -22.50
N LYS D 152 13.94 -18.36 -22.81
CA LYS D 152 12.70 -18.54 -23.57
C LYS D 152 13.02 -19.02 -24.98
N THR D 153 12.20 -19.94 -25.49
CA THR D 153 12.42 -20.56 -26.79
C THR D 153 11.52 -19.93 -27.86
N SER D 154 12.06 -19.86 -29.08
CA SER D 154 11.34 -19.25 -30.19
C SER D 154 10.32 -20.19 -30.84
N LYS D 155 10.48 -21.50 -30.64
CA LYS D 155 9.52 -22.51 -31.05
C LYS D 155 9.41 -23.48 -29.88
N LYS D 156 8.33 -24.25 -29.85
CA LYS D 156 8.11 -25.18 -28.76
C LYS D 156 8.95 -26.43 -29.00
N ILE D 157 9.88 -26.70 -28.09
CA ILE D 157 10.79 -27.84 -28.19
C ILE D 157 10.30 -28.89 -27.21
N THR D 158 9.85 -30.03 -27.69
CA THR D 158 9.22 -31.00 -26.81
C THR D 158 9.81 -32.39 -26.98
N ILE D 159 9.52 -33.24 -25.99
CA ILE D 159 9.87 -34.65 -26.04
C ILE D 159 8.69 -35.36 -26.67
N ALA D 160 8.73 -35.53 -28.00
CA ALA D 160 7.60 -36.15 -28.71
C ALA D 160 7.45 -37.62 -28.40
N ASP D 161 8.54 -38.31 -28.07
CA ASP D 161 8.50 -39.70 -27.63
C ASP D 161 9.75 -39.94 -26.80
N CYS D 162 9.69 -40.95 -25.95
CA CYS D 162 10.81 -41.28 -25.06
C CYS D 162 10.62 -42.70 -24.52
N GLY D 163 11.73 -43.27 -24.04
CA GLY D 163 11.66 -44.60 -23.50
C GLY D 163 13.05 -45.18 -23.36
N GLN D 164 13.11 -46.51 -23.26
CA GLN D 164 14.35 -47.23 -23.00
C GLN D 164 14.79 -48.03 -24.21
N LEU D 165 16.10 -47.99 -24.49
CA LEU D 165 16.68 -48.80 -25.55
C LEU D 165 17.26 -50.07 -24.94
PG GNP E . -19.99 19.68 12.64
O1G GNP E . -19.82 18.77 13.81
O2G GNP E . -20.60 18.92 11.52
O3G GNP E . -18.62 20.17 12.24
N3B GNP E . -20.94 20.94 13.07
PB GNP E . -22.33 20.88 13.94
O1B GNP E . -22.16 20.05 15.17
O2B GNP E . -23.52 20.63 13.08
O3A GNP E . -22.50 22.39 14.46
PA GNP E . -22.23 23.04 15.90
O1A GNP E . -20.78 22.93 16.23
O2A GNP E . -23.21 22.49 16.88
O5' GNP E . -22.62 24.57 15.62
C5' GNP E . -21.83 25.33 14.67
C4' GNP E . -21.95 26.79 15.01
O4' GNP E . -23.35 27.18 14.97
C3' GNP E . -21.45 27.21 16.40
O3' GNP E . -20.85 28.50 16.34
C2' GNP E . -22.73 27.24 17.23
O2' GNP E . -22.67 28.10 18.34
C1' GNP E . -23.73 27.74 16.20
N9 GNP E . -25.10 27.32 16.49
C8 GNP E . -25.55 26.03 16.63
N7 GNP E . -26.83 25.96 16.88
C5 GNP E . -27.25 27.29 16.91
C6 GNP E . -28.52 27.84 17.13
O6 GNP E . -29.59 27.25 17.35
N1 GNP E . -28.50 29.23 17.07
C2 GNP E . -27.40 30.00 16.82
N2 GNP E . -27.58 31.32 16.81
N3 GNP E . -26.18 29.48 16.61
C4 GNP E . -26.18 28.13 16.67
MG MG F . -20.58 18.81 15.70
C1 A1AOD G . -6.78 14.39 8.68
C10 A1AOD G . -14.05 21.81 9.02
C11 A1AOD G . -14.72 23.18 8.95
C12 A1AOD G . -16.21 23.02 9.24
C13 A1AOD G . -17.39 22.98 7.16
C14 A1AOD G . -17.84 22.44 5.88
C15 A1AOD G . -19.07 22.19 5.47
C16 A1AOD G . -19.28 21.69 4.04
C17 A1AOD G . -17.11 20.95 2.96
C18 A1AOD G . -17.91 23.31 2.61
C19 A1AOD G . -20.49 22.43 3.49
C2 A1AOD G . -8.11 14.99 9.12
C20 A1AOD G . -19.51 20.20 3.99
C21 A1AOD G . -16.27 20.92 8.02
C22 A1AOD G . -14.75 20.84 8.08
C23 A1AOD G . -11.85 22.52 10.85
C24 A1AOD G . -9.36 23.17 9.40
C25 A1AOD G . -9.85 24.57 9.05
C26 A1AOD G . -7.98 23.01 8.76
C27 A1AOD G . -10.55 17.60 7.67
C28 A1AOD G . -11.82 17.28 8.47
C29 A1AOD G . -13.18 18.04 10.16
C3 A1AOD G . -6.12 16.68 8.01
C30 A1AOD G . -13.36 16.66 10.77
C31 A1AOD G . -13.16 14.29 10.28
C32 A1AOD G . -12.26 13.25 10.10
C33 A1AOD G . -12.60 11.96 10.47
C34 A1AOD G . -13.81 11.68 11.08
C35 A1AOD G . -14.70 12.74 11.28
C36 A1AOD G . -14.37 14.03 10.89
C37 A1AOD G . -15.07 9.75 11.95
C38 A1AOD G . -15.98 9.34 10.81
C39 A1AOD G . -12.78 9.74 10.98
C4 A1AOD G . -6.23 15.24 7.55
C40 A1AOD G . -12.49 8.29 11.08
C41 A1AOD G . -12.29 7.59 12.27
C42 A1AOD G . -12.34 8.21 13.60
C43 A1AOD G . -13.86 8.51 15.37
C44 A1AOD G . -11.10 7.87 14.41
C45 A1AOD G . -12.00 5.60 11.10
C46 A1AOD G . -12.18 6.24 9.90
C47 A1AOD G . -12.43 7.59 9.88
C48 A1AOD G . -11.87 10.77 10.40
C49 A1AOD G . -10.51 10.53 9.79
C5 A1AOD G . -8.13 18.05 7.89
C50 A1AOD G . -9.28 10.65 10.69
C51 A1AOD G . -8.08 10.37 9.80
C52 A1AOD G . -9.29 9.66 11.83
C53 A1AOD G . -9.17 12.05 11.24
C54 A1AOD G . -8.55 14.21 10.31
C55 A1AOD G . -11.75 15.84 8.94
C6 A1AOD G . -9.49 18.39 8.42
C7 A1AOD G . -9.78 20.68 9.26
C8 A1AOD G . -10.29 22.05 8.89
C9 A1AOD G . -12.60 21.84 8.58
F1 A1AOD G . -14.12 21.37 10.24
N1 A1AOD G . -7.97 16.40 9.47
N2 A1AOD G . -7.44 17.07 8.46
N3 A1AOD G . -9.73 19.81 8.26
N4 A1AOD G . -11.65 22.17 9.44
N5 A1AOD G . -16.68 22.31 8.08
N6 A1AOD G . -18.20 21.94 3.05
N7 A1AOD G . -12.80 15.60 9.94
N8 A1AOD G . -13.90 10.38 11.36
N9 A1AOD G . -12.05 6.27 12.25
O1 A1AOD G . -7.68 18.67 6.96
O2 A1AOD G . -17.65 24.15 7.30
O3 A1AOD G . -12.33 21.52 7.45
O4 A1AOD G . -9.48 20.39 10.39
O5 A1AOD G . -11.90 18.16 9.57
O6 A1AOD G . -13.48 7.70 14.27
O7 A1AOD G . -8.96 12.86 10.11
O8 A1AOD G . -8.59 14.66 11.42
CL CL H . -10.34 13.77 6.37
PG GNP I . 11.82 -13.95 -8.97
O1G GNP I . 11.99 -13.40 -10.35
O2G GNP I . 12.87 -13.41 -8.10
O3G GNP I . 11.89 -15.45 -9.03
N3B GNP I . 10.33 -13.50 -8.43
PB GNP I . 9.68 -12.00 -8.47
O1B GNP I . 9.77 -11.40 -9.85
O2B GNP I . 10.09 -11.16 -7.31
O3A GNP I . 8.11 -12.25 -8.25
PA GNP I . 6.90 -12.27 -9.29
O1A GNP I . 7.12 -13.36 -10.27
O2A GNP I . 6.69 -10.89 -9.81
O5' GNP I . 5.68 -12.63 -8.33
C5' GNP I . 5.66 -13.90 -7.65
C4' GNP I . 4.23 -14.24 -7.32
O4' GNP I . 3.67 -13.21 -6.47
C3' GNP I . 3.26 -14.38 -8.50
O3' GNP I . 2.33 -15.42 -8.30
C2' GNP I . 2.57 -13.01 -8.53
O2' GNP I . 1.30 -13.04 -9.12
C1' GNP I . 2.50 -12.69 -7.04
N9 GNP I . 2.44 -11.26 -6.77
C8 GNP I . 3.32 -10.31 -7.21
N7 GNP I . 3.01 -9.09 -6.84
C5 GNP I . 1.85 -9.26 -6.11
C6 GNP I . 1.05 -8.29 -5.44
O6 GNP I . 1.22 -7.07 -5.38
N1 GNP I . -0.05 -8.89 -4.82
C2 GNP I . -0.33 -10.23 -4.81
N2 GNP I . -1.42 -10.61 -4.15
N3 GNP I . 0.41 -11.14 -5.44
C4 GNP I . 1.49 -10.58 -6.06
MG MG J . 10.90 -12.08 -11.44
C1 A1AOD K . 20.98 -24.42 -14.45
C10 A1AOD K . 13.16 -21.34 -8.43
C11 A1AOD K . 14.36 -20.69 -7.76
C12 A1AOD K . 14.01 -19.27 -7.37
C13 A1AOD K . 13.16 -19.09 -5.12
C14 A1AOD K . 12.06 -19.22 -4.17
C15 A1AOD K . 11.73 -18.24 -3.31
C16 A1AOD K . 10.57 -18.51 -2.39
C17 A1AOD K . 11.95 -19.10 -0.50
C18 A1AOD K . 9.76 -18.15 -0.16
C19 A1AOD K . 9.38 -17.67 -2.85
C2 A1AOD K . 20.01 -23.41 -13.89
C20 A1AOD K . 10.23 -19.99 -2.41
C21 A1AOD K . 11.69 -19.91 -6.94
C22 A1AOD K . 11.96 -21.31 -7.47
C23 A1AOD K . 12.12 -22.81 -10.74
C24 A1AOD K . 12.81 -25.68 -10.60
C25 A1AOD K . 11.71 -25.93 -9.58
C26 A1AOD K . 13.55 -26.99 -10.78
C27 A1AOD K . 18.12 -22.95 -10.61
C28 A1AOD K . 17.66 -21.50 -10.69
C29 A1AOD K . 15.86 -20.11 -11.13
C3 A1AOD K . 19.59 -26.19 -13.38
C30 A1AOD K . 16.65 -19.15 -12.01
C31 A1AOD K . 18.93 -18.47 -12.53
C32 A1AOD K . 20.10 -18.86 -13.20
C33 A1AOD K . 20.93 -17.91 -13.77
C34 A1AOD K . 20.61 -16.56 -13.70
C35 A1AOD K . 19.44 -16.17 -13.06
C36 A1AOD K . 18.62 -17.12 -12.48
C37 A1AOD K . 21.55 -14.38 -14.44
C38 A1AOD K . 22.35 -13.83 -13.27
C39 A1AOD K . 22.50 -16.64 -14.82
C4 A1AOD K . 21.00 -25.65 -13.58
C40 A1AOD K . 23.74 -16.26 -15.55
C41 A1AOD K . 23.78 -15.76 -16.86
C42 A1AOD K . 22.55 -15.53 -17.65
C43 A1AOD K . 21.05 -13.78 -18.10
C44 A1AOD K . 22.73 -16.09 -19.05
C45 A1AOD K . 26.09 -15.63 -16.76
C46 A1AOD K . 26.13 -16.11 -15.47
C47 A1AOD K . 24.93 -16.43 -14.88
C48 A1AOD K . 22.11 -18.03 -14.48
C49 A1AOD K . 22.91 -19.28 -14.79
C5 A1AOD K . 18.08 -25.12 -11.80
C50 A1AOD K . 22.63 -20.07 -16.06
C51 A1AOD K . 23.56 -21.27 -16.05
C52 A1AOD K . 22.89 -19.26 -17.30
C53 A1AOD K . 21.20 -20.58 -16.09
C54 A1AOD K . 19.92 -22.29 -14.88
C55 A1AOD K . 18.62 -20.74 -11.60
C6 A1AOD K . 17.26 -23.92 -11.42
C7 A1AOD K . 14.88 -24.36 -11.17
C8 A1AOD K . 13.80 -24.62 -10.13
C9 A1AOD K . 13.59 -22.74 -8.75
F1 A1AOD K . 12.88 -20.69 -9.53
N1 A1AOD K . 18.69 -24.01 -13.70
N2 A1AOD K . 18.76 -25.08 -12.93
N3 A1AOD K . 16.10 -24.31 -10.66
N4 A1AOD K . 13.14 -23.35 -9.84
N5 A1AOD K . 12.95 -19.41 -6.40
N6 A1AOD K . 10.95 -18.15 -1.02
N7 A1AOD K . 18.08 -19.44 -11.99
N8 A1AOD K . 21.55 -15.84 -14.33
N9 A1AOD K . 24.95 -15.44 -17.41
O1 A1AOD K . 18.11 -26.09 -11.07
O2 A1AOD K . 14.23 -18.69 -4.72
O3 A1AOD K . 14.41 -23.27 -8.04
O4 A1AOD K . 14.62 -24.18 -12.34
O5 A1AOD K . 16.34 -21.44 -11.21
O6 A1AOD K . 22.37 -14.12 -17.72
O7 A1AOD K . 21.11 -21.52 -15.05
O8 A1AOD K . 18.95 -22.04 -15.53
CL CL L . 21.96 -22.01 -11.09
#